data_8ZPZ
#
_entry.id   8ZPZ
#
_cell.length_a   1.00
_cell.length_b   1.00
_cell.length_c   1.00
_cell.angle_alpha   90.00
_cell.angle_beta   90.00
_cell.angle_gamma   90.00
#
_symmetry.space_group_name_H-M   'P 1'
#
loop_
_entity.id
_entity.type
_entity.pdbx_description
1 polymer 'ABC transporter B family member 1'
2 non-polymer Brassinolide
#
_entity_poly.entity_id   1
_entity_poly.type   'polypeptide(L)'
_entity_poly.pdbx_seq_one_letter_code
;MDNDGGAPPPPPTLVVEEPKKAEIRGVAFKELFRFADGLDYVLMGIGSVGAFVHGCSLPLFLRFFADLVNSFGSNSNNVE
KMMEEVLKYALYFLVVGAAIWASSWAEISCWMWSGERQTTKMRIKYLEAALNQDIQFFDTEVRTSDVVFAINTDAVMVQD
AISEKLGNFIHYMATFVSGFIVGFTAVWQLALVTLAVVPLIAVIGGIHTTTLSKLSNKSQESLSQAGNIVEQTVVQIRVV
MAFVGESRASQAYSSALKIAQKLGYKTGLAKGMGLGATYFVVFCCYALLLWYGGYLVRHHLTNGGLAIATMFAVMIGGLA
LGQSAPSMAAFAKAKVAAAKIFRIIDHKPTIERNSESGVELDSVTGLVELKNVDFSYPSRPDVKILNNFCLSVPAGKTIA
LVGSSGSGKSTVVSLIERFYDPNSGQVLLDGQDLKTLKLRWLRQQIGLVSQEPALFATSIKENILLGRPDADQVEIEEAA
RVANAHSFIIKLPDGFDTQVGERGLQLSGGQKQRIAIARAMLKNPAILLLDEATSALDSESEKLVQEALDRFMIGRTTLI
IAHRLSTIRKADLVAVLQQGSVSEIGTHDELFSKGENGVYAKLIKMQEAAHETAMSNARKSSARPSSARNSVSSPIMTRN
SSYGRSPYSRRLSDFSTSDFSLSIDASSYPNYRNEKLAFKDQANSFWRLAKMNSPEWKYALLGSVGSVICGSLSAFFAYV
LSAVLSVYYNPDHEYMIKQIDKYCYLLIGLSSAALVFNTLQHSFWDIVGENLTKRVREKMLSAVLKNEMAWFDQEENESA
RIAARLALDANNVRSAIGDRISVIVQNTALMLVACTAGFVLQWRLALVLVAVFPVVVAATVLQKMFMTGFSGDLEAAHAK
GTQLAGEAIANVRTVAAFNSEAKIVRLYTANLEPPLKRCFWKGQIAGSGYGVAQFCLYASYALGLWYASWLVKHGISDFS
KTIRVFMVLMVSANGAAETLTLAPDFIKGGQAMRSVFELLDRKTEIEPDDPDTTPVPDRLRGEVELKHIDFSYPSRPDIQ
IFRDLSLRARAGKTLALVGPSGCGKSSVISLIQRFYEPSSGRVMIDGKDIRKYNLKAIRKHIAIVPQEPCLFGTTIYENI
AYGHECATEAEIIQAATLASAHKFISALPEGYKTYVGERGVQLSGGQKQRIAIARALVRKAEIMLLDEATSALDAESERS
VQEALDQACSGRTSIVVAHRLSTIRNAHVIAVIDDGKVAEQGSHSHLLKNHPDGIYARMIQLQRFTHTQVIGMTSGSSSR
VKEDDA
;
_entity_poly.pdbx_strand_id   B
#
loop_
_chem_comp.id
_chem_comp.type
_chem_comp.name
_chem_comp.formula
BLD non-polymer Brassinolide 'C28 H48 O6'
#
# COMPACT_ATOMS: atom_id res chain seq x y z
N GLY A 26 17.38 21.93 -1.40
CA GLY A 26 16.28 22.73 -0.89
C GLY A 26 16.35 24.19 -1.30
N VAL A 27 15.33 24.96 -0.94
CA VAL A 27 15.31 26.38 -1.30
C VAL A 27 16.04 27.18 -0.22
N ALA A 28 15.46 27.21 0.99
CA ALA A 28 16.04 27.89 2.14
C ALA A 28 15.15 27.72 3.36
N PHE A 29 15.69 27.93 4.55
CA PHE A 29 14.84 28.15 5.71
C PHE A 29 14.30 29.57 5.68
N LYS A 30 13.20 29.79 6.43
CA LYS A 30 12.39 30.99 6.50
C LYS A 30 11.56 31.18 5.22
N GLU A 31 11.76 30.37 4.19
CA GLU A 31 10.90 30.38 3.02
C GLU A 31 9.69 29.46 3.18
N LEU A 32 9.76 28.48 4.07
CA LEU A 32 8.62 27.60 4.31
C LEU A 32 7.44 28.35 4.93
N PHE A 33 7.69 29.44 5.66
CA PHE A 33 6.64 30.22 6.28
C PHE A 33 6.22 31.37 5.38
N ARG A 34 5.77 31.02 4.17
CA ARG A 34 5.32 32.01 3.19
C ARG A 34 3.81 32.04 3.04
N PHE A 35 3.08 31.22 3.80
CA PHE A 35 1.63 31.22 3.78
C PHE A 35 1.04 31.71 5.09
N ALA A 36 1.85 32.32 5.95
CA ALA A 36 1.37 32.78 7.24
C ALA A 36 0.45 33.99 7.10
N ASP A 37 -0.41 34.17 8.09
CA ASP A 37 -1.34 35.31 8.13
C ASP A 37 -1.38 35.79 9.57
N GLY A 38 -2.40 36.59 9.89
CA GLY A 38 -2.51 37.21 11.20
C GLY A 38 -2.47 36.25 12.36
N LEU A 39 -3.18 35.14 12.26
CA LEU A 39 -3.17 34.13 13.32
C LEU A 39 -1.90 33.30 13.35
N ASP A 40 -1.17 33.21 12.24
CA ASP A 40 0.04 32.40 12.20
C ASP A 40 1.25 33.14 12.73
N TYR A 41 1.12 34.39 13.13
CA TYR A 41 2.11 35.06 13.97
C TYR A 41 1.62 35.22 15.40
N VAL A 42 0.49 34.61 15.75
CA VAL A 42 0.01 34.55 17.11
C VAL A 42 0.11 33.14 17.68
N LEU A 43 -0.30 32.13 16.92
CA LEU A 43 -0.19 30.75 17.37
C LEU A 43 1.25 30.30 17.54
N MET A 44 2.15 30.67 16.62
CA MET A 44 3.57 30.42 16.82
C MET A 44 4.19 31.36 17.85
N GLY A 45 3.57 32.51 18.11
CA GLY A 45 3.98 33.41 19.16
C GLY A 45 3.48 33.06 20.53
N ILE A 46 2.65 32.02 20.64
CA ILE A 46 2.18 31.50 21.91
C ILE A 46 2.71 30.10 22.17
N GLY A 47 2.77 29.26 21.15
CA GLY A 47 3.35 27.94 21.23
C GLY A 47 4.86 27.91 21.31
N SER A 48 5.50 29.08 21.22
CA SER A 48 6.92 29.21 21.46
C SER A 48 7.24 29.69 22.87
N VAL A 49 6.33 30.43 23.50
CA VAL A 49 6.49 30.80 24.90
C VAL A 49 6.05 29.65 25.79
N GLY A 50 4.93 29.02 25.46
CA GLY A 50 4.46 27.88 26.21
C GLY A 50 5.28 26.63 26.09
N ALA A 51 6.07 26.50 25.02
CA ALA A 51 7.01 25.40 24.90
C ALA A 51 8.36 25.70 25.54
N PHE A 52 8.72 26.97 25.66
CA PHE A 52 9.92 27.36 26.38
C PHE A 52 9.73 27.30 27.88
N VAL A 53 8.54 27.67 28.38
CA VAL A 53 8.27 27.54 29.80
C VAL A 53 8.15 26.07 30.21
N HIS A 54 7.58 25.24 29.34
CA HIS A 54 7.50 23.80 29.61
C HIS A 54 8.87 23.14 29.65
N GLY A 55 9.80 23.58 28.81
CA GLY A 55 11.12 22.98 28.79
C GLY A 55 11.89 23.23 30.08
N CYS A 56 11.72 24.41 30.67
CA CYS A 56 12.51 24.80 31.83
C CYS A 56 11.76 24.55 33.13
N SER A 57 10.96 23.48 33.19
CA SER A 57 10.18 23.20 34.37
C SER A 57 10.63 21.96 35.13
N LEU A 58 11.27 20.99 34.47
CA LEU A 58 11.78 19.82 35.17
C LEU A 58 13.11 20.13 35.87
N PRO A 59 14.07 20.80 35.22
CA PRO A 59 15.27 21.23 35.93
C PRO A 59 15.03 22.29 36.99
N LEU A 60 13.81 22.79 37.13
CA LEU A 60 13.41 23.61 38.26
C LEU A 60 12.69 22.82 39.33
N PHE A 61 11.90 21.82 38.95
CA PHE A 61 11.37 20.89 39.94
C PHE A 61 12.48 20.18 40.68
N LEU A 62 13.57 19.84 39.97
CA LEU A 62 14.72 19.25 40.64
C LEU A 62 15.35 20.21 41.65
N ARG A 63 15.46 21.49 41.31
CA ARG A 63 15.99 22.48 42.25
C ARG A 63 15.10 22.58 43.49
N PHE A 64 13.78 22.61 43.30
CA PHE A 64 12.87 22.64 44.44
C PHE A 64 12.95 21.37 45.28
N PHE A 65 13.05 20.21 44.64
CA PHE A 65 13.17 18.95 45.37
C PHE A 65 14.45 18.92 46.20
N ALA A 66 15.55 19.40 45.64
CA ALA A 66 16.81 19.46 46.38
C ALA A 66 16.72 20.35 47.61
N ASP A 67 15.83 21.33 47.61
CA ASP A 67 15.65 22.18 48.78
C ASP A 67 14.64 21.61 49.77
N LEU A 68 13.64 20.86 49.28
CA LEU A 68 12.68 20.22 50.18
C LEU A 68 13.37 19.19 51.07
N VAL A 69 14.23 18.36 50.48
CA VAL A 69 14.89 17.30 51.24
C VAL A 69 15.81 17.89 52.30
N ASN A 70 16.50 18.98 51.97
CA ASN A 70 17.43 19.58 52.92
C ASN A 70 16.73 20.04 54.19
N SER A 71 15.60 20.73 54.07
CA SER A 71 14.85 21.17 55.23
C SER A 71 13.93 20.09 55.77
N PHE A 72 14.16 18.85 55.37
CA PHE A 72 13.40 17.70 55.84
C PHE A 72 14.27 16.69 56.57
N GLY A 73 15.60 16.75 56.45
CA GLY A 73 16.48 15.90 57.20
C GLY A 73 17.44 16.65 58.08
N SER A 74 17.77 17.89 57.69
CA SER A 74 18.69 18.68 58.50
C SER A 74 18.03 19.17 59.78
N ASN A 75 16.74 19.53 59.71
CA ASN A 75 16.03 20.03 60.88
C ASN A 75 15.33 18.91 61.64
N SER A 76 16.09 17.87 61.98
CA SER A 76 15.55 16.78 62.78
C SER A 76 15.39 17.15 64.25
N ASN A 77 16.19 18.10 64.75
CA ASN A 77 16.11 18.52 66.13
C ASN A 77 15.03 19.55 66.38
N ASN A 78 14.45 20.13 65.32
CA ASN A 78 13.38 21.12 65.44
C ASN A 78 12.30 20.75 64.43
N VAL A 79 11.29 19.99 64.90
CA VAL A 79 10.19 19.59 64.04
C VAL A 79 9.34 20.77 63.63
N GLU A 80 9.24 21.78 64.50
CA GLU A 80 8.42 22.95 64.19
C GLU A 80 8.86 23.65 62.92
N LYS A 81 10.15 23.95 62.77
CA LYS A 81 10.66 24.51 61.53
C LYS A 81 10.55 23.54 60.36
N MET A 82 10.74 22.25 60.64
CA MET A 82 10.57 21.21 59.63
C MET A 82 9.20 21.29 58.98
N MET A 83 8.16 21.64 59.74
CA MET A 83 6.83 21.58 59.15
C MET A 83 6.45 22.84 58.36
N GLU A 84 6.85 24.04 58.76
CA GLU A 84 6.53 25.14 57.85
C GLU A 84 7.49 25.19 56.68
N GLU A 85 8.64 24.53 56.76
CA GLU A 85 9.59 24.54 55.65
C GLU A 85 9.51 23.28 54.80
N VAL A 86 8.47 22.45 54.99
CA VAL A 86 8.19 21.35 54.08
C VAL A 86 6.84 21.59 53.42
N LEU A 87 5.93 22.24 54.15
CA LEU A 87 4.65 22.61 53.55
C LEU A 87 4.82 23.65 52.45
N LYS A 88 5.75 24.59 52.63
CA LYS A 88 6.01 25.60 51.62
C LYS A 88 6.50 24.96 50.32
N TYR A 89 7.48 24.07 50.41
CA TYR A 89 8.00 23.43 49.21
C TYR A 89 7.06 22.35 48.67
N ALA A 90 6.08 21.92 49.46
CA ALA A 90 5.03 21.04 48.96
C ALA A 90 3.86 21.81 48.36
N LEU A 91 3.80 23.13 48.61
CA LEU A 91 2.86 24.00 47.92
C LEU A 91 3.48 24.62 46.67
N TYR A 92 4.80 24.71 46.60
CA TYR A 92 5.47 25.07 45.36
C TYR A 92 5.28 24.01 44.28
N PHE A 93 5.11 22.75 44.66
CA PHE A 93 4.83 21.69 43.69
C PHE A 93 3.50 21.90 42.99
N LEU A 94 2.48 22.35 43.72
CA LEU A 94 1.17 22.60 43.12
C LEU A 94 1.16 23.81 42.19
N VAL A 95 2.22 24.61 42.20
CA VAL A 95 2.39 25.70 41.25
C VAL A 95 3.26 25.27 40.08
N VAL A 96 4.30 24.48 40.33
CA VAL A 96 5.09 23.92 39.25
C VAL A 96 4.23 23.02 38.37
N GLY A 97 3.32 22.24 38.98
CA GLY A 97 2.42 21.40 38.21
C GLY A 97 1.29 22.12 37.54
N ALA A 98 0.97 23.34 37.98
CA ALA A 98 0.00 24.17 37.29
C ALA A 98 0.61 25.03 36.20
N ALA A 99 1.92 25.28 36.26
CA ALA A 99 2.64 25.93 35.18
C ALA A 99 3.00 24.96 34.07
N ILE A 100 2.66 23.68 34.22
CA ILE A 100 2.79 22.70 33.15
C ILE A 100 1.44 22.36 32.52
N TRP A 101 0.35 22.42 33.28
CA TRP A 101 -0.98 22.25 32.72
C TRP A 101 -1.29 23.33 31.70
N ALA A 102 -0.91 24.58 32.01
CA ALA A 102 -1.16 25.71 31.12
C ALA A 102 -0.01 25.98 30.17
N SER A 103 1.01 25.12 30.15
CA SER A 103 2.11 25.28 29.22
C SER A 103 2.27 24.10 28.27
N SER A 104 1.71 22.93 28.59
CA SER A 104 1.60 21.85 27.63
C SER A 104 0.32 21.92 26.81
N TRP A 105 -0.71 22.60 27.32
CA TRP A 105 -1.89 22.88 26.54
C TRP A 105 -1.60 23.84 25.40
N ALA A 106 -0.75 24.85 25.65
CA ALA A 106 -0.48 25.91 24.68
C ALA A 106 0.66 25.56 23.73
N GLU A 107 1.27 24.38 23.89
CA GLU A 107 2.29 23.90 22.96
C GLU A 107 1.77 22.82 22.03
N ILE A 108 1.03 21.84 22.56
CA ILE A 108 0.49 20.76 21.74
C ILE A 108 -0.65 21.23 20.85
N SER A 109 -1.39 22.27 21.26
CA SER A 109 -2.56 22.72 20.53
C SER A 109 -2.30 23.89 19.60
N CYS A 110 -1.31 24.73 19.89
CA CYS A 110 -1.01 25.90 19.06
C CYS A 110 0.05 25.62 18.02
N TRP A 111 0.56 24.39 17.94
CA TRP A 111 1.51 24.00 16.91
C TRP A 111 0.91 23.08 15.87
N MET A 112 0.02 22.17 16.27
CA MET A 112 -0.64 21.29 15.31
C MET A 112 -1.72 22.01 14.51
N TRP A 113 -2.12 23.20 14.93
CA TRP A 113 -3.14 23.97 14.22
C TRP A 113 -2.57 25.01 13.28
N SER A 114 -1.45 25.64 13.66
CA SER A 114 -0.79 26.64 12.84
C SER A 114 0.03 26.02 11.71
N GLY A 115 0.13 24.69 11.68
CA GLY A 115 0.72 24.00 10.55
C GLY A 115 -0.36 23.50 9.63
N GLU A 116 -1.49 23.11 10.22
CA GLU A 116 -2.66 22.72 9.44
C GLU A 116 -3.27 23.91 8.69
N ARG A 117 -3.19 25.11 9.27
CA ARG A 117 -3.71 26.28 8.58
C ARG A 117 -2.80 26.76 7.45
N GLN A 118 -1.58 26.25 7.36
CA GLN A 118 -0.64 26.63 6.31
C GLN A 118 -0.52 25.57 5.22
N THR A 119 -0.40 24.30 5.61
CA THR A 119 -0.26 23.21 4.65
C THR A 119 -1.55 22.90 3.90
N THR A 120 -2.63 23.62 4.21
CA THR A 120 -3.87 23.54 3.45
C THR A 120 -3.95 24.60 2.36
N LYS A 121 -3.63 25.85 2.69
CA LYS A 121 -3.47 26.86 1.66
C LYS A 121 -2.31 26.55 0.72
N MET A 122 -1.31 25.80 1.17
CA MET A 122 -0.28 25.34 0.25
C MET A 122 -0.82 24.36 -0.78
N ARG A 123 -1.56 23.34 -0.34
CA ARG A 123 -2.13 22.36 -1.25
C ARG A 123 -3.19 22.95 -2.18
N ILE A 124 -3.99 23.89 -1.70
CA ILE A 124 -4.98 24.55 -2.56
C ILE A 124 -4.30 25.29 -3.70
N LYS A 125 -3.28 26.09 -3.39
CA LYS A 125 -2.53 26.80 -4.41
C LYS A 125 -1.79 25.86 -5.35
N TYR A 126 -1.23 24.76 -4.83
CA TYR A 126 -0.50 23.83 -5.69
C TYR A 126 -1.43 23.24 -6.76
N LEU A 127 -2.63 22.83 -6.36
CA LEU A 127 -3.58 22.31 -7.33
C LEU A 127 -4.13 23.40 -8.25
N GLU A 128 -4.38 24.60 -7.74
CA GLU A 128 -4.90 25.65 -8.60
C GLU A 128 -3.90 26.09 -9.66
N ALA A 129 -2.61 26.06 -9.33
CA ALA A 129 -1.56 26.42 -10.28
C ALA A 129 -0.93 25.20 -10.95
N ALA A 130 -1.47 24.01 -10.68
CA ALA A 130 -0.95 22.79 -11.28
C ALA A 130 -1.78 22.29 -12.45
N LEU A 131 -3.08 22.59 -12.50
CA LEU A 131 -3.89 22.28 -13.66
C LEU A 131 -4.14 23.51 -14.51
N ASN A 132 -3.58 24.66 -14.12
CA ASN A 132 -3.53 25.83 -14.98
C ASN A 132 -2.42 25.74 -16.00
N GLN A 133 -1.43 24.87 -15.78
CA GLN A 133 -0.33 24.72 -16.71
C GLN A 133 -0.81 24.07 -18.01
N ASP A 134 -0.16 24.46 -19.11
CA ASP A 134 -0.51 23.92 -20.41
C ASP A 134 -0.14 22.44 -20.50
N ILE A 135 -0.78 21.75 -21.43
CA ILE A 135 -0.62 20.30 -21.56
C ILE A 135 0.77 19.91 -22.03
N GLN A 136 1.54 20.86 -22.59
CA GLN A 136 2.94 20.57 -22.89
C GLN A 136 3.74 20.26 -21.64
N PHE A 137 3.43 20.94 -20.54
CA PHE A 137 4.13 20.75 -19.27
C PHE A 137 4.09 19.29 -18.82
N PHE A 138 2.98 18.60 -19.05
CA PHE A 138 2.80 17.25 -18.54
C PHE A 138 3.59 16.20 -19.31
N ASP A 139 4.21 16.56 -20.43
CA ASP A 139 5.01 15.62 -21.20
C ASP A 139 6.46 16.06 -21.36
N THR A 140 6.72 17.35 -21.55
CA THR A 140 8.09 17.79 -21.79
C THR A 140 8.92 17.82 -20.51
N GLU A 141 8.32 18.21 -19.38
CA GLU A 141 9.09 18.47 -18.16
C GLU A 141 8.79 17.48 -17.05
N VAL A 142 7.53 17.32 -16.66
CA VAL A 142 7.16 16.55 -15.47
C VAL A 142 6.16 15.48 -15.88
N ARG A 143 6.40 14.25 -15.42
CA ARG A 143 5.46 13.16 -15.67
C ARG A 143 4.14 13.41 -14.94
N THR A 144 3.07 12.87 -15.50
CA THR A 144 1.74 13.03 -14.92
C THR A 144 1.56 12.25 -13.62
N SER A 145 2.45 11.31 -13.33
CA SER A 145 2.41 10.57 -12.07
C SER A 145 3.34 11.15 -11.01
N ASP A 146 4.23 12.06 -11.40
CA ASP A 146 5.11 12.72 -10.44
C ASP A 146 4.36 13.73 -9.58
N VAL A 147 3.40 14.45 -10.16
CA VAL A 147 2.65 15.47 -9.44
C VAL A 147 1.77 14.89 -8.34
N VAL A 148 1.09 13.77 -8.59
CA VAL A 148 0.26 13.14 -7.55
C VAL A 148 1.06 12.75 -6.32
N PHE A 149 2.35 12.44 -6.49
CA PHE A 149 3.25 12.15 -5.39
C PHE A 149 3.52 13.37 -4.51
N ALA A 150 3.57 14.56 -5.11
CA ALA A 150 3.88 15.80 -4.43
C ALA A 150 2.77 16.29 -3.51
N ILE A 151 1.56 15.75 -3.62
CA ILE A 151 0.50 16.00 -2.67
C ILE A 151 0.44 14.94 -1.59
N ASN A 152 0.71 13.68 -1.97
CA ASN A 152 0.69 12.60 -0.99
C ASN A 152 1.80 12.73 0.04
N THR A 153 3.03 13.03 -0.40
CA THR A 153 4.17 13.00 0.51
C THR A 153 4.89 14.34 0.63
N ASP A 154 5.09 15.04 -0.49
CA ASP A 154 5.81 16.32 -0.42
C ASP A 154 5.05 17.37 0.36
N ALA A 155 3.73 17.22 0.53
CA ALA A 155 2.95 18.12 1.36
C ALA A 155 2.80 17.60 2.79
N VAL A 156 3.30 16.42 3.07
CA VAL A 156 3.32 15.88 4.43
C VAL A 156 4.67 16.11 5.10
N MET A 157 5.76 15.98 4.33
CA MET A 157 7.08 16.24 4.89
C MET A 157 7.25 17.70 5.29
N VAL A 158 6.58 18.61 4.59
CA VAL A 158 6.65 20.02 4.95
C VAL A 158 5.90 20.28 6.25
N GLN A 159 4.68 19.75 6.38
CA GLN A 159 3.85 20.00 7.57
C GLN A 159 4.50 19.45 8.83
N ASP A 160 5.06 18.24 8.76
CA ASP A 160 5.66 17.59 9.92
C ASP A 160 6.91 18.31 10.41
N ALA A 161 7.50 19.19 9.61
CA ALA A 161 8.72 19.90 9.99
C ALA A 161 8.46 21.36 10.30
N ILE A 162 7.22 21.81 10.30
CA ILE A 162 6.89 23.14 10.80
C ILE A 162 5.82 23.12 11.87
N SER A 163 5.03 22.05 12.01
CA SER A 163 3.98 22.01 13.02
C SER A 163 4.48 21.33 14.30
N GLU A 164 4.92 20.08 14.19
CA GLU A 164 5.18 19.25 15.35
C GLU A 164 6.67 19.10 15.68
N LYS A 165 7.57 19.44 14.76
CA LYS A 165 8.99 19.26 15.01
C LYS A 165 9.76 20.56 15.15
N LEU A 166 9.10 21.71 14.99
CA LEU A 166 9.69 22.96 15.42
C LEU A 166 9.40 23.23 16.89
N GLY A 167 8.31 22.69 17.43
CA GLY A 167 7.97 22.85 18.83
C GLY A 167 8.72 21.88 19.72
N ASN A 168 9.16 20.76 19.15
CA ASN A 168 10.03 19.81 19.83
C ASN A 168 11.50 20.19 19.72
N PHE A 169 11.78 21.40 19.26
CA PHE A 169 13.15 21.92 19.20
C PHE A 169 13.42 23.00 20.23
N ILE A 170 12.54 23.99 20.37
CA ILE A 170 12.67 24.95 21.46
C ILE A 170 12.56 24.25 22.81
N HIS A 171 11.67 23.25 22.91
CA HIS A 171 11.53 22.50 24.15
C HIS A 171 12.86 21.84 24.55
N TYR A 172 13.47 21.10 23.63
CA TYR A 172 14.67 20.33 23.94
C TYR A 172 15.94 21.17 23.88
N MET A 173 15.85 22.42 23.42
CA MET A 173 16.94 23.36 23.63
C MET A 173 16.84 24.10 24.95
N ALA A 174 15.64 24.50 25.37
CA ALA A 174 15.46 25.12 26.67
C ALA A 174 15.76 24.13 27.79
N THR A 175 15.40 22.86 27.62
CA THR A 175 15.74 21.87 28.64
C THR A 175 17.25 21.72 28.78
N PHE A 176 17.98 21.70 27.66
CA PHE A 176 19.43 21.59 27.72
C PHE A 176 20.06 22.84 28.34
N VAL A 177 19.56 24.03 27.96
CA VAL A 177 20.11 25.27 28.49
C VAL A 177 19.87 25.37 30.00
N SER A 178 18.66 25.02 30.44
CA SER A 178 18.30 25.10 31.84
C SER A 178 18.78 23.88 32.64
N GLY A 179 19.34 22.88 31.97
CA GLY A 179 19.93 21.75 32.66
C GLY A 179 21.32 21.98 33.18
N PHE A 180 21.96 23.07 32.76
CA PHE A 180 23.29 23.42 33.23
C PHE A 180 23.28 24.62 34.18
N ILE A 181 22.34 25.54 34.03
CA ILE A 181 22.25 26.67 34.95
C ILE A 181 21.91 26.19 36.35
N VAL A 182 21.00 25.21 36.46
CA VAL A 182 20.67 24.67 37.78
C VAL A 182 21.68 23.65 38.26
N GLY A 183 22.54 23.15 37.38
CA GLY A 183 23.55 22.19 37.76
C GLY A 183 24.84 22.84 38.20
N PHE A 184 25.38 23.73 37.38
CA PHE A 184 26.66 24.38 37.65
C PHE A 184 26.57 25.43 38.76
N THR A 185 25.37 25.88 39.13
CA THR A 185 25.23 26.85 40.20
C THR A 185 24.90 26.22 41.54
N ALA A 186 24.43 24.98 41.58
CA ALA A 186 24.19 24.29 42.85
C ALA A 186 25.49 23.70 43.39
N VAL A 187 26.07 22.75 42.64
CA VAL A 187 27.37 22.16 42.96
C VAL A 187 28.13 22.04 41.64
N TRP A 188 29.06 22.97 41.40
CA TRP A 188 29.78 22.95 40.13
C TRP A 188 30.86 21.88 40.10
N GLN A 189 31.49 21.59 41.23
CA GLN A 189 32.53 20.57 41.28
C GLN A 189 32.01 19.18 40.95
N LEU A 190 30.70 18.94 41.10
CA LEU A 190 30.10 17.68 40.73
C LEU A 190 29.41 17.72 39.38
N ALA A 191 29.22 18.91 38.81
CA ALA A 191 28.60 19.07 37.50
C ALA A 191 29.60 18.94 36.36
N LEU A 192 30.89 18.87 36.65
CA LEU A 192 31.90 18.61 35.64
C LEU A 192 32.19 17.14 35.45
N VAL A 193 32.19 16.35 36.54
CA VAL A 193 32.34 14.91 36.40
C VAL A 193 31.20 14.32 35.60
N THR A 194 29.99 14.85 35.76
CA THR A 194 28.85 14.35 35.00
C THR A 194 28.95 14.74 33.53
N LEU A 195 29.47 15.92 33.23
CA LEU A 195 29.77 16.29 31.85
C LEU A 195 30.85 15.42 31.24
N ALA A 196 31.81 14.95 32.06
CA ALA A 196 32.82 14.01 31.60
C ALA A 196 32.28 12.58 31.50
N VAL A 197 30.97 12.40 31.67
CA VAL A 197 30.37 11.07 31.70
C VAL A 197 29.30 10.95 30.62
N VAL A 198 28.47 11.98 30.49
CA VAL A 198 27.32 11.97 29.57
C VAL A 198 27.72 11.56 28.14
N PRO A 199 28.85 12.04 27.57
CA PRO A 199 29.18 11.65 26.19
C PRO A 199 29.61 10.19 26.06
N LEU A 200 29.49 9.41 27.12
CA LEU A 200 29.63 7.97 27.03
C LEU A 200 28.31 7.25 26.87
N ILE A 201 27.31 7.61 27.69
CA ILE A 201 25.97 7.09 27.50
C ILE A 201 25.42 7.54 26.15
N ALA A 202 25.67 8.80 25.76
CA ALA A 202 25.17 9.34 24.51
C ALA A 202 25.85 8.72 23.29
N VAL A 203 26.92 7.94 23.49
CA VAL A 203 27.59 7.21 22.42
C VAL A 203 27.15 5.76 22.40
N ILE A 204 27.04 5.13 23.57
CA ILE A 204 26.54 3.76 23.62
C ILE A 204 25.11 3.68 23.10
N GLY A 205 24.24 4.60 23.54
CA GLY A 205 22.87 4.61 23.07
C GLY A 205 22.68 5.07 21.65
N GLY A 206 23.74 5.55 20.99
CA GLY A 206 23.66 5.89 19.59
C GLY A 206 24.20 4.77 18.73
N ILE A 207 25.21 4.06 19.24
CA ILE A 207 25.73 2.89 18.54
C ILE A 207 24.72 1.76 18.56
N HIS A 208 24.00 1.60 19.67
CA HIS A 208 23.03 0.51 19.78
C HIS A 208 21.86 0.71 18.82
N THR A 209 21.44 1.96 18.59
CA THR A 209 20.33 2.25 17.70
C THR A 209 20.74 2.28 16.23
N THR A 210 22.04 2.21 15.94
CA THR A 210 22.53 2.06 14.58
C THR A 210 22.81 0.61 14.21
N THR A 211 23.34 -0.16 15.15
CA THR A 211 23.47 -1.60 14.94
C THR A 211 22.13 -2.28 14.71
N LEU A 212 21.07 -1.80 15.35
CA LEU A 212 19.73 -2.36 15.12
C LEU A 212 19.21 -2.02 13.73
N SER A 213 19.46 -0.79 13.27
CA SER A 213 19.03 -0.40 11.94
C SER A 213 19.83 -1.11 10.84
N LYS A 214 21.09 -1.46 11.11
CA LYS A 214 21.85 -2.24 10.14
C LYS A 214 21.29 -3.64 9.93
N LEU A 215 20.49 -4.14 10.88
CA LEU A 215 19.91 -5.47 10.77
C LEU A 215 18.41 -5.46 10.49
N SER A 216 17.71 -4.35 10.76
CA SER A 216 16.29 -4.27 10.51
C SER A 216 15.95 -3.93 9.07
N ASN A 217 16.95 -3.72 8.21
CA ASN A 217 16.71 -3.45 6.80
C ASN A 217 17.09 -4.63 5.92
N LYS A 218 17.58 -5.71 6.50
CA LYS A 218 17.83 -6.94 5.75
C LYS A 218 16.70 -7.95 5.91
N SER A 219 16.00 -7.95 7.04
CA SER A 219 14.86 -8.84 7.22
C SER A 219 13.77 -8.53 6.22
N GLN A 220 13.50 -7.24 5.97
CA GLN A 220 12.51 -6.87 4.97
C GLN A 220 12.92 -7.35 3.59
N GLU A 221 14.20 -7.21 3.24
CA GLU A 221 14.67 -7.68 1.94
C GLU A 221 14.50 -9.19 1.82
N SER A 222 14.88 -9.92 2.86
CA SER A 222 14.82 -11.38 2.83
C SER A 222 13.40 -11.92 2.95
N LEU A 223 12.46 -11.11 3.41
CA LEU A 223 11.06 -11.51 3.49
C LEU A 223 10.26 -11.05 2.28
N SER A 224 10.76 -10.07 1.52
CA SER A 224 10.13 -9.67 0.27
C SER A 224 10.71 -10.37 -0.94
N GLN A 225 11.95 -10.86 -0.85
CA GLN A 225 12.49 -11.74 -1.88
C GLN A 225 11.96 -13.16 -1.77
N ALA A 226 11.65 -13.62 -0.56
CA ALA A 226 11.01 -14.91 -0.34
C ALA A 226 9.49 -14.81 -0.27
N GLY A 227 8.95 -13.61 -0.06
CA GLY A 227 7.52 -13.41 -0.07
C GLY A 227 6.91 -13.27 -1.44
N ASN A 228 7.74 -13.19 -2.48
CA ASN A 228 7.25 -13.17 -3.85
C ASN A 228 6.92 -14.56 -4.39
N ILE A 229 7.30 -15.62 -3.67
CA ILE A 229 6.93 -16.96 -4.08
C ILE A 229 5.42 -17.12 -4.05
N VAL A 230 4.77 -16.66 -2.98
CA VAL A 230 3.32 -16.71 -2.92
C VAL A 230 2.67 -15.75 -3.90
N GLU A 231 3.34 -14.63 -4.22
CA GLU A 231 2.83 -13.73 -5.25
C GLU A 231 2.80 -14.41 -6.61
N GLN A 232 3.87 -15.13 -6.94
CA GLN A 232 3.96 -15.81 -8.23
C GLN A 232 3.06 -17.04 -8.28
N THR A 233 2.89 -17.74 -7.16
CA THR A 233 2.16 -19.00 -7.17
C THR A 233 0.67 -18.77 -7.41
N VAL A 234 0.07 -17.78 -6.73
CA VAL A 234 -1.37 -17.56 -6.88
C VAL A 234 -1.73 -16.97 -8.23
N VAL A 235 -0.80 -16.31 -8.92
CA VAL A 235 -1.09 -15.81 -10.26
C VAL A 235 -1.30 -16.96 -11.22
N GLN A 236 -0.46 -17.98 -11.15
CA GLN A 236 -0.48 -19.10 -12.09
C GLN A 236 -0.95 -20.39 -11.41
N ILE A 237 -1.74 -20.25 -10.34
CA ILE A 237 -2.39 -21.40 -9.72
C ILE A 237 -3.09 -22.31 -10.73
N ARG A 238 -3.47 -21.78 -11.89
CA ARG A 238 -4.10 -22.62 -12.90
C ARG A 238 -3.15 -23.69 -13.42
N VAL A 239 -1.86 -23.37 -13.58
CA VAL A 239 -0.90 -24.36 -14.02
C VAL A 239 -0.21 -25.04 -12.83
N VAL A 240 -0.12 -24.35 -11.69
CA VAL A 240 0.40 -24.98 -10.48
C VAL A 240 -0.51 -26.12 -10.04
N MET A 241 -1.82 -25.91 -10.08
CA MET A 241 -2.75 -26.96 -9.69
C MET A 241 -2.97 -27.98 -10.80
N ALA A 242 -2.81 -27.57 -12.06
CA ALA A 242 -2.98 -28.50 -13.17
C ALA A 242 -1.98 -29.65 -13.07
N PHE A 243 -0.71 -29.34 -12.83
CA PHE A 243 0.24 -30.34 -12.40
C PHE A 243 0.09 -30.56 -10.90
N VAL A 244 0.70 -31.65 -10.40
CA VAL A 244 0.66 -31.92 -8.96
C VAL A 244 1.70 -31.12 -8.22
N GLY A 245 2.57 -30.41 -8.93
CA GLY A 245 3.67 -29.71 -8.28
C GLY A 245 3.25 -28.51 -7.47
N GLU A 246 2.34 -28.74 -6.51
CA GLU A 246 2.01 -27.77 -5.49
C GLU A 246 2.69 -28.05 -4.17
N SER A 247 3.28 -29.24 -4.01
CA SER A 247 4.17 -29.53 -2.90
C SER A 247 5.58 -29.00 -3.14
N ARG A 248 5.88 -28.56 -4.36
CA ARG A 248 7.13 -27.90 -4.68
C ARG A 248 7.06 -26.41 -4.40
N ALA A 249 5.91 -25.91 -3.96
CA ALA A 249 5.76 -24.51 -3.58
C ALA A 249 5.66 -24.31 -2.08
N SER A 250 5.49 -25.37 -1.29
CA SER A 250 5.54 -25.28 0.16
C SER A 250 6.91 -25.65 0.72
N GLN A 251 7.83 -26.09 -0.13
CA GLN A 251 9.20 -26.32 0.29
C GLN A 251 10.19 -25.37 -0.36
N ALA A 252 9.82 -24.73 -1.48
CA ALA A 252 10.57 -23.59 -2.00
C ALA A 252 10.15 -22.29 -1.33
N TYR A 253 9.13 -22.36 -0.46
CA TYR A 253 8.73 -21.25 0.39
C TYR A 253 9.23 -21.39 1.82
N SER A 254 9.56 -22.60 2.26
CA SER A 254 10.13 -22.78 3.59
C SER A 254 11.64 -22.64 3.57
N SER A 255 12.30 -23.21 2.55
CA SER A 255 13.74 -23.11 2.39
C SER A 255 14.20 -21.72 1.99
N ALA A 256 13.26 -20.78 1.83
CA ALA A 256 13.62 -19.39 1.60
C ALA A 256 13.24 -18.51 2.79
N LEU A 257 12.55 -19.06 3.79
CA LEU A 257 12.29 -18.35 5.04
C LEU A 257 13.42 -18.51 6.04
N LYS A 258 14.19 -19.60 5.96
CA LYS A 258 15.32 -19.79 6.86
C LYS A 258 16.37 -18.70 6.67
N ILE A 259 16.47 -18.14 5.47
CA ILE A 259 17.38 -17.03 5.24
C ILE A 259 16.98 -15.83 6.09
N ALA A 260 15.68 -15.62 6.28
CA ALA A 260 15.18 -14.54 7.12
C ALA A 260 14.97 -14.99 8.56
N GLN A 261 15.29 -16.23 8.90
CA GLN A 261 15.21 -16.72 10.26
C GLN A 261 16.58 -16.74 10.94
N LYS A 262 17.59 -17.28 10.27
CA LYS A 262 18.96 -17.18 10.78
C LYS A 262 19.37 -15.73 10.97
N LEU A 263 18.87 -14.84 10.11
CA LEU A 263 19.06 -13.41 10.27
C LEU A 263 18.10 -12.80 11.28
N GLY A 264 17.06 -13.54 11.65
CA GLY A 264 16.14 -13.08 12.68
C GLY A 264 16.60 -13.48 14.06
N TYR A 265 17.58 -14.37 14.12
CA TYR A 265 18.24 -14.70 15.38
C TYR A 265 19.35 -13.73 15.75
N LYS A 266 19.95 -13.05 14.78
CA LYS A 266 21.01 -12.08 15.04
C LYS A 266 20.49 -10.70 15.41
N THR A 267 19.18 -10.49 15.34
CA THR A 267 18.57 -9.26 15.82
C THR A 267 18.35 -9.26 17.33
N GLY A 268 17.99 -10.42 17.90
CA GLY A 268 17.82 -10.48 19.34
C GLY A 268 19.13 -10.31 20.09
N LEU A 269 20.21 -10.92 19.58
CA LEU A 269 21.50 -10.81 20.25
C LEU A 269 21.99 -9.37 20.24
N ALA A 270 21.86 -8.67 19.11
CA ALA A 270 22.25 -7.27 18.99
C ALA A 270 21.27 -6.34 19.68
N LYS A 271 20.12 -6.87 20.14
CA LYS A 271 19.20 -6.12 20.97
C LYS A 271 19.44 -6.33 22.46
N GLY A 272 20.01 -7.47 22.84
CA GLY A 272 20.35 -7.74 24.22
C GLY A 272 21.71 -7.20 24.60
N MET A 273 22.65 -7.21 23.66
CA MET A 273 23.99 -6.70 23.94
C MET A 273 24.05 -5.20 23.71
N GLY A 274 22.89 -4.58 23.45
CA GLY A 274 22.80 -3.14 23.33
C GLY A 274 22.00 -2.56 24.47
N LEU A 275 21.40 -3.45 25.28
CA LEU A 275 20.76 -3.06 26.52
C LEU A 275 21.49 -3.58 27.75
N GLY A 276 22.37 -4.55 27.59
CA GLY A 276 23.19 -5.01 28.69
C GLY A 276 24.46 -4.20 28.80
N ALA A 277 24.76 -3.40 27.78
CA ALA A 277 25.90 -2.50 27.79
C ALA A 277 25.52 -1.07 28.15
N THR A 278 24.24 -0.71 28.00
CA THR A 278 23.80 0.60 28.47
C THR A 278 23.72 0.64 29.99
N TYR A 279 23.19 -0.41 30.60
CA TYR A 279 23.13 -0.50 32.06
C TYR A 279 24.51 -0.74 32.69
N PHE A 280 25.39 -1.46 32.00
CA PHE A 280 26.76 -1.65 32.47
C PHE A 280 27.53 -0.35 32.55
N VAL A 281 27.10 0.67 31.82
CA VAL A 281 27.71 2.00 31.89
C VAL A 281 26.98 2.91 32.87
N VAL A 282 25.64 2.84 32.88
CA VAL A 282 24.87 3.66 33.81
C VAL A 282 25.16 3.29 35.25
N PHE A 283 25.25 2.00 35.57
CA PHE A 283 25.59 1.60 36.93
C PHE A 283 26.99 2.09 37.32
N CYS A 284 27.96 1.90 36.43
CA CYS A 284 29.34 2.28 36.75
C CYS A 284 29.51 3.78 36.92
N CYS A 285 28.86 4.59 36.08
CA CYS A 285 29.00 6.04 36.20
C CYS A 285 28.39 6.55 37.50
N TYR A 286 27.24 6.02 37.88
CA TYR A 286 26.65 6.37 39.17
C TYR A 286 27.41 5.77 40.34
N ALA A 287 28.23 4.75 40.12
CA ALA A 287 29.11 4.23 41.15
C ALA A 287 30.29 5.15 41.42
N LEU A 288 30.51 6.15 40.57
CA LEU A 288 31.53 7.17 40.77
C LEU A 288 30.95 8.51 41.17
N LEU A 289 29.83 8.91 40.55
CA LEU A 289 29.19 10.15 40.93
C LEU A 289 28.76 10.15 42.39
N LEU A 290 28.19 9.03 42.86
CA LEU A 290 27.78 8.94 44.26
C LEU A 290 28.98 9.00 45.20
N TRP A 291 30.09 8.34 44.85
CA TRP A 291 31.26 8.40 45.71
C TRP A 291 31.83 9.81 45.77
N TYR A 292 31.89 10.51 44.64
CA TYR A 292 32.40 11.87 44.67
C TYR A 292 31.47 12.80 45.43
N GLY A 293 30.16 12.57 45.33
CA GLY A 293 29.22 13.33 46.16
C GLY A 293 29.34 13.03 47.63
N GLY A 294 29.72 11.81 48.01
CA GLY A 294 29.94 11.49 49.40
C GLY A 294 31.28 12.02 49.90
N TYR A 295 32.19 12.27 48.97
CA TYR A 295 33.44 12.96 49.33
C TYR A 295 33.26 14.46 49.49
N LEU A 296 32.45 15.10 48.63
CA LEU A 296 32.23 16.53 48.76
C LEU A 296 31.54 16.88 50.07
N VAL A 297 30.52 16.11 50.46
CA VAL A 297 29.73 16.42 51.65
C VAL A 297 30.58 16.36 52.91
N ARG A 298 31.53 15.42 52.96
CA ARG A 298 32.35 15.27 54.16
C ARG A 298 33.20 16.50 54.44
N HIS A 299 33.58 17.25 53.40
CA HIS A 299 34.43 18.41 53.55
C HIS A 299 33.66 19.72 53.54
N HIS A 300 32.33 19.64 53.64
CA HIS A 300 31.45 20.82 53.80
C HIS A 300 31.57 21.77 52.61
N LEU A 301 31.23 21.26 51.42
CA LEU A 301 31.05 22.09 50.25
C LEU A 301 29.72 21.86 49.55
N THR A 302 28.90 20.95 50.06
CA THR A 302 27.73 20.51 49.31
C THR A 302 26.68 20.01 50.28
N ASN A 303 25.42 20.21 49.92
CA ASN A 303 24.29 19.76 50.73
C ASN A 303 24.09 18.26 50.60
N GLY A 304 23.03 17.74 51.20
CA GLY A 304 22.72 16.32 51.08
C GLY A 304 21.94 16.03 49.83
N GLY A 305 21.01 16.92 49.47
CA GLY A 305 20.22 16.73 48.28
C GLY A 305 20.79 17.39 47.04
N LEU A 306 21.60 18.44 47.23
CA LEU A 306 22.20 19.13 46.10
C LEU A 306 23.18 18.26 45.32
N ALA A 307 23.72 17.21 45.93
CA ALA A 307 24.56 16.27 45.22
C ALA A 307 23.76 15.21 44.49
N ILE A 308 22.44 15.23 44.63
CA ILE A 308 21.56 14.32 43.88
C ILE A 308 20.80 15.02 42.78
N ALA A 309 20.29 16.24 43.02
CA ALA A 309 19.59 17.01 42.00
C ALA A 309 20.55 17.77 41.10
N THR A 310 21.82 17.42 41.11
CA THR A 310 22.79 17.88 40.12
C THR A 310 23.14 16.77 39.13
N MET A 311 23.36 15.55 39.62
CA MET A 311 23.55 14.41 38.73
C MET A 311 22.32 14.19 37.85
N PHE A 312 21.13 14.37 38.39
CA PHE A 312 19.91 14.27 37.61
C PHE A 312 19.72 15.45 36.68
N ALA A 313 20.00 16.67 37.16
CA ALA A 313 19.78 17.86 36.36
C ALA A 313 20.74 17.97 35.17
N VAL A 314 21.98 17.50 35.31
CA VAL A 314 22.89 17.51 34.19
C VAL A 314 22.54 16.42 33.19
N MET A 315 22.25 15.21 33.69
CA MET A 315 21.90 14.10 32.81
C MET A 315 20.59 14.31 32.08
N ILE A 316 19.66 15.09 32.65
CA ILE A 316 18.44 15.44 31.92
C ILE A 316 18.73 16.47 30.84
N GLY A 317 19.51 17.50 31.16
CA GLY A 317 19.89 18.52 30.22
C GLY A 317 21.08 18.17 29.35
N GLY A 318 21.72 17.03 29.58
CA GLY A 318 22.83 16.60 28.75
C GLY A 318 22.38 15.59 27.72
N LEU A 319 21.40 14.77 28.07
CA LEU A 319 20.80 13.83 27.14
C LEU A 319 19.66 14.43 26.33
N ALA A 320 19.35 15.71 26.54
CA ALA A 320 18.28 16.40 25.81
C ALA A 320 18.74 16.93 24.47
N LEU A 321 19.88 16.46 23.98
CA LEU A 321 20.34 16.77 22.63
C LEU A 321 20.07 15.64 21.65
N GLY A 322 20.07 14.39 22.13
CA GLY A 322 19.70 13.28 21.27
C GLY A 322 18.28 13.40 20.75
N GLN A 323 17.36 13.89 21.58
CA GLN A 323 15.99 14.14 21.15
C GLN A 323 15.87 15.35 20.25
N SER A 324 16.94 16.14 20.10
CA SER A 324 16.95 17.28 19.19
C SER A 324 17.58 16.92 17.85
N ALA A 325 17.96 15.66 17.65
CA ALA A 325 18.55 15.22 16.39
C ALA A 325 17.50 15.01 15.31
N PRO A 326 16.38 14.30 15.58
CA PRO A 326 15.34 14.20 14.55
C PRO A 326 14.75 15.53 14.14
N SER A 327 14.65 16.49 15.06
CA SER A 327 14.10 17.80 14.74
C SER A 327 14.92 18.54 13.71
N MET A 328 16.24 18.37 13.70
CA MET A 328 17.09 18.97 12.68
C MET A 328 17.32 18.05 11.49
N ALA A 329 17.08 16.74 11.64
CA ALA A 329 17.13 15.84 10.50
C ALA A 329 15.90 16.01 9.60
N ALA A 330 14.78 16.41 10.19
CA ALA A 330 13.57 16.66 9.41
C ALA A 330 13.53 18.06 8.81
N PHE A 331 14.45 18.94 9.18
CA PHE A 331 14.55 20.26 8.58
C PHE A 331 15.31 20.23 7.26
N ALA A 332 16.00 19.14 6.95
CA ALA A 332 16.71 19.00 5.69
C ALA A 332 15.89 18.30 4.61
N LYS A 333 15.11 17.29 4.98
CA LYS A 333 14.21 16.66 4.01
C LYS A 333 13.11 17.60 3.57
N ALA A 334 12.63 18.46 4.47
CA ALA A 334 11.48 19.32 4.23
C ALA A 334 11.86 20.57 3.43
N LYS A 335 13.04 20.59 2.82
CA LYS A 335 13.40 21.60 1.85
C LYS A 335 13.68 21.02 0.47
N VAL A 336 14.37 19.88 0.40
CA VAL A 336 14.44 19.13 -0.84
C VAL A 336 13.09 18.56 -1.24
N ALA A 337 12.14 18.46 -0.31
CA ALA A 337 10.77 18.10 -0.63
C ALA A 337 9.84 19.30 -0.70
N ALA A 338 10.37 20.52 -0.54
CA ALA A 338 9.56 21.73 -0.62
C ALA A 338 9.94 22.58 -1.83
N ALA A 339 11.13 22.35 -2.40
CA ALA A 339 11.52 23.01 -3.63
C ALA A 339 10.66 22.63 -4.82
N LYS A 340 10.24 21.36 -4.91
CA LYS A 340 9.43 20.92 -6.05
C LYS A 340 8.11 21.67 -6.11
N ILE A 341 7.44 21.83 -4.96
CA ILE A 341 6.13 22.48 -4.94
C ILE A 341 6.24 23.94 -5.35
N PHE A 342 7.21 24.65 -4.79
CA PHE A 342 7.42 26.06 -5.10
C PHE A 342 7.95 26.27 -6.51
N ARG A 343 8.54 25.24 -7.13
CA ARG A 343 8.84 25.31 -8.55
C ARG A 343 7.57 25.45 -9.37
N ILE A 344 6.59 24.59 -9.11
CA ILE A 344 5.35 24.59 -9.89
C ILE A 344 4.51 25.81 -9.57
N ILE A 345 4.43 26.19 -8.29
CA ILE A 345 3.48 27.22 -7.87
C ILE A 345 3.70 28.53 -8.60
N ASP A 346 4.94 28.96 -8.77
CA ASP A 346 5.24 30.24 -9.40
C ASP A 346 5.71 30.11 -10.85
N HIS A 347 5.53 28.93 -11.47
CA HIS A 347 5.97 28.74 -12.85
C HIS A 347 4.90 29.23 -13.81
N LYS A 348 5.21 30.27 -14.58
CA LYS A 348 4.26 30.84 -15.52
C LYS A 348 4.05 29.89 -16.71
N PRO A 349 2.81 29.76 -17.19
CA PRO A 349 2.55 28.90 -18.35
C PRO A 349 3.11 29.47 -19.64
N THR A 350 2.92 28.77 -20.76
CA THR A 350 3.50 29.17 -22.03
C THR A 350 2.43 29.45 -23.09
N ILE A 351 1.18 29.66 -22.66
CA ILE A 351 0.11 30.09 -23.56
C ILE A 351 -0.71 31.14 -22.82
N GLU A 352 -1.15 32.15 -23.54
CA GLU A 352 -1.84 33.29 -22.93
C GLU A 352 -3.31 32.93 -22.74
N ARG A 353 -3.61 32.41 -21.54
CA ARG A 353 -4.93 31.85 -21.28
C ARG A 353 -5.95 32.93 -20.99
N ASN A 354 -5.62 33.86 -20.08
CA ASN A 354 -6.55 34.93 -19.72
C ASN A 354 -6.59 35.98 -20.82
N SER A 355 -6.98 35.57 -22.03
CA SER A 355 -6.74 36.33 -23.25
C SER A 355 -7.69 37.52 -23.30
N GLU A 356 -7.24 38.66 -22.77
CA GLU A 356 -7.95 39.91 -23.00
C GLU A 356 -7.67 40.47 -24.39
N SER A 357 -6.57 40.08 -25.00
CA SER A 357 -6.30 40.39 -26.41
C SER A 357 -6.83 39.29 -27.32
N GLY A 358 -8.10 38.94 -27.11
CA GLY A 358 -8.74 37.89 -27.87
C GLY A 358 -10.01 38.35 -28.54
N VAL A 359 -10.06 38.25 -29.87
CA VAL A 359 -11.21 38.72 -30.62
C VAL A 359 -12.41 37.84 -30.33
N GLU A 360 -13.60 38.36 -30.62
CA GLU A 360 -14.85 37.66 -30.38
C GLU A 360 -15.69 37.66 -31.65
N LEU A 361 -16.50 36.62 -31.81
CA LEU A 361 -17.39 36.48 -32.95
C LEU A 361 -18.84 36.45 -32.46
N ASP A 362 -19.73 37.06 -33.24
CA ASP A 362 -21.12 37.16 -32.85
C ASP A 362 -21.78 35.78 -32.85
N SER A 363 -21.80 35.12 -34.01
CA SER A 363 -22.42 33.81 -34.14
C SER A 363 -21.64 33.00 -35.17
N VAL A 364 -21.22 31.80 -34.76
CA VAL A 364 -20.49 30.92 -35.68
C VAL A 364 -21.47 30.20 -36.60
N THR A 365 -20.95 29.73 -37.74
CA THR A 365 -21.74 28.96 -38.69
C THR A 365 -21.21 27.54 -38.85
N GLY A 366 -20.21 27.15 -38.07
CA GLY A 366 -19.65 25.82 -38.18
C GLY A 366 -18.73 25.61 -39.38
N LEU A 367 -18.09 26.68 -39.86
CA LEU A 367 -17.18 26.60 -40.99
C LEU A 367 -15.75 26.64 -40.46
N VAL A 368 -14.99 25.60 -40.76
CA VAL A 368 -13.61 25.46 -40.29
C VAL A 368 -12.72 25.21 -41.49
N GLU A 369 -11.59 25.92 -41.55
CA GLU A 369 -10.61 25.77 -42.62
C GLU A 369 -9.22 25.56 -42.06
N LEU A 370 -8.46 24.69 -42.72
CA LEU A 370 -7.07 24.43 -42.36
C LEU A 370 -6.22 24.53 -43.62
N LYS A 371 -5.15 25.31 -43.56
CA LYS A 371 -4.32 25.60 -44.73
C LYS A 371 -2.84 25.49 -44.35
N ASN A 372 -2.14 24.55 -44.98
CA ASN A 372 -0.67 24.44 -44.89
C ASN A 372 -0.19 24.36 -43.44
N VAL A 373 -0.82 23.49 -42.65
CA VAL A 373 -0.48 23.34 -41.25
C VAL A 373 0.59 22.27 -41.12
N ASP A 374 1.75 22.67 -40.60
CA ASP A 374 2.85 21.75 -40.31
C ASP A 374 3.09 21.76 -38.81
N PHE A 375 3.07 20.57 -38.19
CA PHE A 375 3.17 20.48 -36.74
C PHE A 375 3.96 19.25 -36.36
N SER A 376 4.64 19.33 -35.21
CA SER A 376 5.34 18.21 -34.62
C SER A 376 5.19 18.27 -33.11
N TYR A 377 5.26 17.11 -32.46
CA TYR A 377 5.16 17.07 -31.00
C TYR A 377 6.35 17.78 -30.37
N PRO A 378 6.11 18.59 -29.33
CA PRO A 378 7.22 19.24 -28.64
C PRO A 378 7.87 18.33 -27.61
N SER A 379 8.08 17.08 -27.97
CA SER A 379 8.83 16.10 -27.19
C SER A 379 9.95 15.46 -27.99
N ARG A 380 9.71 15.20 -29.28
CA ARG A 380 10.77 14.85 -30.24
C ARG A 380 10.60 15.71 -31.49
N PRO A 381 11.02 17.02 -31.44
CA PRO A 381 10.82 17.93 -32.57
C PRO A 381 11.58 17.56 -33.85
N ASP A 382 11.37 16.33 -34.31
CA ASP A 382 11.90 15.90 -35.59
C ASP A 382 10.91 15.16 -36.47
N VAL A 383 9.84 14.57 -35.90
CA VAL A 383 8.86 13.88 -36.73
C VAL A 383 7.99 14.91 -37.45
N LYS A 384 7.27 14.43 -38.47
CA LYS A 384 6.43 15.29 -39.29
C LYS A 384 5.00 14.76 -39.32
N ILE A 385 4.45 14.49 -38.13
CA ILE A 385 3.10 13.97 -37.95
C ILE A 385 2.10 14.73 -38.83
N LEU A 386 2.27 16.05 -38.93
CA LEU A 386 1.47 16.88 -39.82
C LEU A 386 2.37 17.52 -40.86
N ASN A 387 2.22 17.09 -42.11
CA ASN A 387 2.97 17.64 -43.24
C ASN A 387 1.98 18.31 -44.20
N ASN A 388 2.29 19.55 -44.57
CA ASN A 388 1.58 20.38 -45.57
C ASN A 388 0.08 20.09 -45.58
N PHE A 389 -0.49 20.12 -44.37
CA PHE A 389 -1.87 19.72 -44.15
C PHE A 389 -2.81 20.83 -44.60
N CYS A 390 -3.74 20.49 -45.49
CA CYS A 390 -4.77 21.39 -45.96
C CYS A 390 -6.10 20.65 -45.97
N LEU A 391 -7.07 21.17 -45.22
CA LEU A 391 -8.36 20.51 -45.11
C LEU A 391 -9.43 21.55 -44.79
N SER A 392 -10.59 21.42 -45.43
CA SER A 392 -11.73 22.28 -45.16
C SER A 392 -12.86 21.46 -44.55
N VAL A 393 -13.52 22.04 -43.54
CA VAL A 393 -14.60 21.38 -42.83
C VAL A 393 -15.90 22.08 -43.21
N PRO A 394 -16.73 21.48 -44.05
CA PRO A 394 -18.00 22.12 -44.43
C PRO A 394 -18.93 22.29 -43.23
N ALA A 395 -19.75 23.33 -43.30
CA ALA A 395 -20.65 23.66 -42.22
C ALA A 395 -21.86 22.74 -42.23
N GLY A 396 -22.17 22.16 -41.07
CA GLY A 396 -23.35 21.34 -40.92
C GLY A 396 -23.30 19.97 -41.54
N LYS A 397 -22.12 19.51 -41.96
CA LYS A 397 -21.98 18.23 -42.61
C LYS A 397 -21.30 17.22 -41.70
N THR A 398 -21.28 15.96 -42.13
CA THR A 398 -20.72 14.85 -41.37
C THR A 398 -19.41 14.44 -42.03
N ILE A 399 -18.32 15.05 -41.58
CA ILE A 399 -16.99 14.72 -42.09
C ILE A 399 -16.36 13.68 -41.18
N ALA A 400 -16.01 12.53 -41.77
CA ALA A 400 -15.43 11.42 -41.01
C ALA A 400 -13.98 11.22 -41.39
N LEU A 401 -13.17 10.85 -40.39
CA LEU A 401 -11.76 10.59 -40.57
C LEU A 401 -11.51 9.09 -40.44
N VAL A 402 -10.98 8.49 -41.50
CA VAL A 402 -10.66 7.07 -41.53
C VAL A 402 -9.19 6.92 -41.93
N GLY A 403 -8.47 6.11 -41.18
CA GLY A 403 -7.06 5.87 -41.50
C GLY A 403 -6.47 4.85 -40.55
N SER A 404 -5.23 4.48 -40.84
CA SER A 404 -4.50 3.54 -40.01
C SER A 404 -3.90 4.24 -38.79
N SER A 405 -3.37 3.46 -37.87
CA SER A 405 -2.76 4.03 -36.68
C SER A 405 -1.48 4.79 -37.05
N GLY A 406 -1.31 5.96 -36.44
CA GLY A 406 -0.16 6.80 -36.71
C GLY A 406 -0.27 7.67 -37.94
N SER A 407 -1.39 7.61 -38.66
CA SER A 407 -1.61 8.42 -39.86
C SER A 407 -2.41 9.69 -39.56
N GLY A 408 -2.33 10.21 -38.34
CA GLY A 408 -3.10 11.38 -37.97
C GLY A 408 -4.26 11.03 -37.07
N LYS A 409 -5.39 11.72 -37.28
CA LYS A 409 -6.67 11.49 -36.58
C LYS A 409 -6.52 11.45 -35.06
N SER A 410 -5.40 11.95 -34.54
CA SER A 410 -5.22 12.11 -33.11
C SER A 410 -4.49 13.39 -32.77
N THR A 411 -4.17 14.22 -33.76
CA THR A 411 -3.48 15.49 -33.53
C THR A 411 -4.32 16.63 -34.08
N VAL A 412 -5.07 16.36 -35.14
CA VAL A 412 -5.98 17.37 -35.67
C VAL A 412 -7.09 17.67 -34.68
N VAL A 413 -7.55 16.67 -33.93
CA VAL A 413 -8.59 16.89 -32.93
C VAL A 413 -8.08 17.79 -31.81
N SER A 414 -6.80 17.65 -31.46
CA SER A 414 -6.21 18.52 -30.45
C SER A 414 -6.00 19.92 -30.97
N LEU A 415 -5.76 20.07 -32.27
CA LEU A 415 -5.43 21.37 -32.83
C LEU A 415 -6.66 22.27 -32.96
N ILE A 416 -7.82 21.69 -33.30
CA ILE A 416 -9.06 22.46 -33.27
C ILE A 416 -9.38 22.87 -31.85
N GLU A 417 -9.19 21.96 -30.89
CA GLU A 417 -9.33 22.32 -29.48
C GLU A 417 -8.21 23.26 -29.03
N ARG A 418 -7.17 23.40 -29.84
CA ARG A 418 -6.00 24.24 -29.55
C ARG A 418 -5.35 23.81 -28.24
N PHE A 419 -4.95 22.54 -28.20
CA PHE A 419 -4.10 22.06 -27.12
C PHE A 419 -2.64 22.46 -27.36
N TYR A 420 -2.13 22.14 -28.54
CA TYR A 420 -0.81 22.59 -28.97
C TYR A 420 -0.96 23.55 -30.14
N ASP A 421 -0.36 24.72 -30.02
CA ASP A 421 -0.38 25.66 -31.13
C ASP A 421 0.47 25.12 -32.28
N PRO A 422 0.04 25.32 -33.52
CA PRO A 422 0.76 24.72 -34.66
C PRO A 422 2.17 25.29 -34.79
N ASN A 423 3.09 24.41 -35.20
CA ASN A 423 4.47 24.81 -35.42
C ASN A 423 4.58 25.81 -36.56
N SER A 424 3.90 25.53 -37.67
CA SER A 424 3.86 26.43 -38.80
C SER A 424 2.61 26.14 -39.62
N GLY A 425 1.67 27.07 -39.62
CA GLY A 425 0.40 26.88 -40.29
C GLY A 425 -0.72 27.62 -39.59
N GLN A 426 -1.88 27.73 -40.25
CA GLN A 426 -3.00 28.48 -39.70
C GLN A 426 -4.28 27.70 -39.87
N VAL A 427 -5.18 27.86 -38.90
CA VAL A 427 -6.52 27.27 -38.94
C VAL A 427 -7.52 28.41 -38.85
N LEU A 428 -8.46 28.46 -39.79
CA LEU A 428 -9.41 29.55 -39.87
C LEU A 428 -10.80 29.06 -39.48
N LEU A 429 -11.35 29.66 -38.43
CA LEU A 429 -12.72 29.41 -37.98
C LEU A 429 -13.54 30.64 -38.33
N ASP A 430 -14.23 30.57 -39.47
CA ASP A 430 -15.01 31.70 -40.01
C ASP A 430 -14.11 32.90 -40.32
N GLY A 431 -12.84 32.62 -40.63
CA GLY A 431 -11.97 33.64 -41.16
C GLY A 431 -11.10 34.38 -40.16
N GLN A 432 -10.96 33.86 -38.94
CA GLN A 432 -10.03 34.44 -37.97
C GLN A 432 -9.17 33.34 -37.37
N ASP A 433 -7.91 33.69 -37.08
CA ASP A 433 -6.93 32.73 -36.60
C ASP A 433 -7.20 32.34 -35.14
N LEU A 434 -6.80 31.11 -34.81
CA LEU A 434 -7.02 30.59 -33.46
C LEU A 434 -6.30 31.42 -32.41
N LYS A 435 -5.08 31.87 -32.70
CA LYS A 435 -4.33 32.70 -31.77
C LYS A 435 -4.93 34.08 -31.57
N THR A 436 -6.10 34.36 -32.15
CA THR A 436 -6.73 35.67 -32.04
C THR A 436 -8.02 35.69 -31.23
N LEU A 437 -8.71 34.56 -31.09
CA LEU A 437 -9.93 34.54 -30.29
C LEU A 437 -9.62 34.27 -28.83
N LYS A 438 -10.62 34.50 -27.98
CA LYS A 438 -10.52 34.14 -26.58
C LYS A 438 -10.57 32.62 -26.42
N LEU A 439 -9.64 32.09 -25.63
CA LEU A 439 -9.55 30.63 -25.46
C LEU A 439 -10.79 30.08 -24.75
N ARG A 440 -11.24 30.74 -23.69
CA ARG A 440 -12.38 30.24 -22.94
C ARG A 440 -13.66 30.30 -23.76
N TRP A 441 -13.78 31.29 -24.64
CA TRP A 441 -14.96 31.36 -25.50
C TRP A 441 -14.86 30.36 -26.64
N LEU A 442 -13.66 30.15 -27.19
CA LEU A 442 -13.49 29.16 -28.24
C LEU A 442 -13.82 27.76 -27.73
N ARG A 443 -13.35 27.42 -26.53
CA ARG A 443 -13.64 26.11 -25.96
C ARG A 443 -15.09 25.96 -25.50
N GLN A 444 -15.87 27.04 -25.49
CA GLN A 444 -17.27 26.98 -25.11
C GLN A 444 -18.16 26.42 -26.21
N GLN A 445 -17.85 26.71 -27.47
CA GLN A 445 -18.68 26.25 -28.58
C GLN A 445 -18.18 24.95 -29.19
N ILE A 446 -17.21 24.28 -28.56
CA ILE A 446 -16.70 23.00 -29.03
C ILE A 446 -17.09 21.94 -28.00
N GLY A 447 -17.68 20.85 -28.47
CA GLY A 447 -18.06 19.76 -27.59
C GLY A 447 -17.21 18.53 -27.82
N LEU A 448 -16.40 18.18 -26.82
CA LEU A 448 -15.47 17.07 -26.93
C LEU A 448 -16.00 15.86 -26.17
N VAL A 449 -16.03 14.71 -26.84
CA VAL A 449 -16.36 13.44 -26.21
C VAL A 449 -15.14 12.54 -26.30
N SER A 450 -14.52 12.27 -25.14
CA SER A 450 -13.34 11.42 -25.10
C SER A 450 -13.74 9.94 -25.12
N GLN A 451 -12.76 9.10 -25.47
CA GLN A 451 -13.01 7.66 -25.47
C GLN A 451 -13.04 7.10 -24.05
N GLU A 452 -12.34 7.76 -23.12
CA GLU A 452 -12.78 7.23 -21.82
C GLU A 452 -13.66 8.26 -21.12
N PRO A 453 -14.80 7.84 -20.60
CA PRO A 453 -15.61 8.72 -19.74
C PRO A 453 -14.80 9.19 -18.54
N ALA A 454 -15.03 10.46 -18.19
CA ALA A 454 -14.33 11.10 -17.08
C ALA A 454 -15.32 11.40 -15.97
N LEU A 455 -15.17 10.68 -14.86
CA LEU A 455 -16.01 10.89 -13.67
C LEU A 455 -15.10 11.19 -12.50
N PHE A 456 -15.50 12.15 -11.68
CA PHE A 456 -14.76 12.54 -10.49
C PHE A 456 -15.49 12.11 -9.23
N ALA A 457 -14.82 12.23 -8.09
CA ALA A 457 -15.38 11.78 -6.83
C ALA A 457 -16.47 12.73 -6.34
N THR A 458 -17.62 12.69 -6.99
CA THR A 458 -18.75 13.53 -6.61
C THR A 458 -20.03 12.84 -7.10
N SER A 459 -21.18 13.47 -6.85
CA SER A 459 -22.45 12.87 -7.20
C SER A 459 -22.66 12.88 -8.72
N ILE A 460 -23.66 12.12 -9.16
CA ILE A 460 -24.03 12.12 -10.58
C ILE A 460 -24.45 13.51 -11.02
N LYS A 461 -25.19 14.23 -10.17
CA LYS A 461 -25.66 15.56 -10.53
C LYS A 461 -24.50 16.52 -10.75
N GLU A 462 -23.50 16.52 -9.87
CA GLU A 462 -22.38 17.44 -10.04
C GLU A 462 -21.45 17.02 -11.17
N ASN A 463 -21.50 15.75 -11.57
CA ASN A 463 -20.71 15.27 -12.71
C ASN A 463 -21.28 15.71 -14.05
N ILE A 464 -22.48 16.30 -14.09
CA ILE A 464 -23.02 16.83 -15.33
C ILE A 464 -23.09 18.36 -15.33
N LEU A 465 -23.15 18.99 -14.15
CA LEU A 465 -23.10 20.45 -14.07
C LEU A 465 -21.79 21.02 -14.60
N LEU A 466 -20.76 20.19 -14.76
CA LEU A 466 -19.52 20.66 -15.37
C LEU A 466 -19.75 21.21 -16.77
N GLY A 467 -20.80 20.74 -17.45
CA GLY A 467 -21.10 21.26 -18.77
C GLY A 467 -21.48 22.73 -18.76
N ARG A 468 -22.39 23.11 -17.85
CA ARG A 468 -22.78 24.50 -17.70
C ARG A 468 -23.38 24.69 -16.31
N PRO A 469 -22.97 25.72 -15.56
CA PRO A 469 -23.39 25.83 -14.16
C PRO A 469 -24.83 26.28 -13.95
N ASP A 470 -25.33 27.19 -14.78
CA ASP A 470 -26.59 27.86 -14.50
C ASP A 470 -27.81 27.04 -14.91
N ALA A 471 -27.63 25.87 -15.49
CA ALA A 471 -28.77 25.05 -15.90
C ALA A 471 -29.59 24.61 -14.70
N ASP A 472 -30.91 24.59 -14.89
CA ASP A 472 -31.82 24.19 -13.83
C ASP A 472 -32.03 22.68 -13.88
N GLN A 473 -32.86 22.15 -12.97
CA GLN A 473 -33.08 20.71 -12.90
C GLN A 473 -33.84 20.21 -14.13
N VAL A 474 -34.75 21.01 -14.68
CA VAL A 474 -35.57 20.56 -15.81
C VAL A 474 -34.70 20.26 -17.01
N GLU A 475 -33.76 21.15 -17.34
CA GLU A 475 -32.89 20.93 -18.49
C GLU A 475 -31.98 19.72 -18.26
N ILE A 476 -31.47 19.55 -17.05
CA ILE A 476 -30.60 18.41 -16.75
C ILE A 476 -31.37 17.11 -16.93
N GLU A 477 -32.59 17.04 -16.39
CA GLU A 477 -33.41 15.85 -16.55
C GLU A 477 -33.79 15.61 -18.01
N GLU A 478 -34.05 16.68 -18.77
CA GLU A 478 -34.33 16.52 -20.19
C GLU A 478 -33.14 15.91 -20.92
N ALA A 479 -31.95 16.44 -20.67
CA ALA A 479 -30.74 15.92 -21.29
C ALA A 479 -30.47 14.48 -20.88
N ALA A 480 -30.69 14.16 -19.60
CA ALA A 480 -30.48 12.79 -19.14
C ALA A 480 -31.44 11.81 -19.80
N ARG A 481 -32.72 12.17 -19.95
CA ARG A 481 -33.66 11.25 -20.58
C ARG A 481 -33.44 11.16 -22.08
N VAL A 482 -32.88 12.21 -22.69
CA VAL A 482 -32.41 12.05 -24.07
C VAL A 482 -31.21 11.10 -24.13
N ALA A 483 -30.33 11.16 -23.14
CA ALA A 483 -29.09 10.41 -23.17
C ALA A 483 -29.26 8.93 -22.81
N ASN A 484 -30.50 8.43 -22.76
CA ASN A 484 -30.77 7.08 -22.29
C ASN A 484 -30.17 6.85 -20.90
N ALA A 485 -30.23 7.90 -20.09
CA ALA A 485 -29.66 7.88 -18.76
C ALA A 485 -30.69 7.97 -17.64
N HIS A 486 -31.77 8.72 -17.83
CA HIS A 486 -32.80 8.84 -16.81
C HIS A 486 -33.49 7.51 -16.52
N SER A 487 -33.38 6.54 -17.44
CA SER A 487 -34.00 5.25 -17.22
C SER A 487 -33.40 4.55 -16.00
N PHE A 488 -32.07 4.54 -15.89
CA PHE A 488 -31.42 3.89 -14.76
C PHE A 488 -31.08 4.87 -13.63
N ILE A 489 -31.30 6.17 -13.82
CA ILE A 489 -31.14 7.12 -12.73
C ILE A 489 -32.18 6.84 -11.65
N ILE A 490 -33.43 6.61 -12.07
CA ILE A 490 -34.48 6.26 -11.11
C ILE A 490 -34.19 4.90 -10.49
N LYS A 491 -33.69 3.94 -11.27
CA LYS A 491 -33.35 2.63 -10.73
C LYS A 491 -32.23 2.74 -9.69
N LEU A 492 -31.35 3.73 -9.83
CA LEU A 492 -30.38 3.99 -8.78
C LEU A 492 -31.10 4.48 -7.52
N PRO A 493 -30.66 4.06 -6.34
CA PRO A 493 -31.40 4.40 -5.12
C PRO A 493 -31.42 5.88 -4.81
N ASP A 494 -30.24 6.51 -4.79
CA ASP A 494 -30.14 7.90 -4.35
C ASP A 494 -30.53 8.91 -5.43
N GLY A 495 -30.64 8.48 -6.68
CA GLY A 495 -31.02 9.40 -7.75
C GLY A 495 -29.86 10.28 -8.20
N PHE A 496 -30.13 11.58 -8.34
CA PHE A 496 -29.09 12.52 -8.77
C PHE A 496 -27.99 12.68 -7.75
N ASP A 497 -28.21 12.29 -6.49
CA ASP A 497 -27.22 12.44 -5.44
C ASP A 497 -26.39 11.18 -5.24
N THR A 498 -26.46 10.23 -6.18
CA THR A 498 -25.66 9.01 -6.10
C THR A 498 -24.18 9.37 -6.18
N GLN A 499 -23.47 9.17 -5.08
CA GLN A 499 -22.06 9.58 -4.97
C GLN A 499 -21.19 8.60 -5.75
N VAL A 500 -20.61 9.07 -6.85
CA VAL A 500 -19.70 8.26 -7.64
C VAL A 500 -18.27 8.52 -7.19
N GLY A 501 -17.51 7.45 -6.99
CA GLY A 501 -16.16 7.56 -6.47
C GLY A 501 -15.72 6.25 -5.83
N GLU A 502 -15.28 6.33 -4.57
CA GLU A 502 -15.01 5.11 -3.81
C GLU A 502 -16.26 4.25 -3.71
N ARG A 503 -17.41 4.88 -3.51
CA ARG A 503 -18.71 4.22 -3.60
C ARG A 503 -19.30 4.44 -4.99
N GLY A 504 -20.44 3.80 -5.22
CA GLY A 504 -21.12 3.94 -6.50
C GLY A 504 -21.12 2.67 -7.32
N LEU A 505 -20.68 1.57 -6.72
CA LEU A 505 -20.75 0.21 -7.25
C LEU A 505 -20.16 0.06 -8.65
N GLN A 506 -19.40 1.04 -9.13
CA GLN A 506 -18.66 0.94 -10.39
C GLN A 506 -19.60 0.63 -11.56
N LEU A 507 -20.43 1.62 -11.88
CA LEU A 507 -21.37 1.51 -13.00
C LEU A 507 -20.66 1.09 -14.28
N SER A 508 -21.43 0.53 -15.20
CA SER A 508 -20.89 -0.08 -16.41
C SER A 508 -20.27 0.97 -17.32
N GLY A 509 -19.44 0.50 -18.25
CA GLY A 509 -18.78 1.39 -19.19
C GLY A 509 -19.75 2.12 -20.10
N GLY A 510 -20.79 1.44 -20.57
CA GLY A 510 -21.80 2.10 -21.38
C GLY A 510 -22.53 3.21 -20.62
N GLN A 511 -22.91 2.93 -19.39
CA GLN A 511 -23.51 3.97 -18.55
C GLN A 511 -22.52 5.10 -18.30
N LYS A 512 -21.24 4.78 -18.08
CA LYS A 512 -20.24 5.82 -17.90
C LYS A 512 -20.14 6.72 -19.12
N GLN A 513 -20.15 6.12 -20.31
CA GLN A 513 -20.12 6.91 -21.54
C GLN A 513 -21.38 7.76 -21.68
N ARG A 514 -22.54 7.21 -21.29
CA ARG A 514 -23.79 7.95 -21.42
C ARG A 514 -23.83 9.19 -20.53
N ILE A 515 -23.25 9.14 -19.34
CA ILE A 515 -23.20 10.33 -18.49
C ILE A 515 -22.37 11.43 -19.16
N ALA A 516 -21.21 11.07 -19.69
CA ALA A 516 -20.37 12.04 -20.38
C ALA A 516 -21.07 12.60 -21.62
N ILE A 517 -21.79 11.75 -22.34
CA ILE A 517 -22.54 12.20 -23.51
C ILE A 517 -23.64 13.19 -23.10
N ALA A 518 -24.35 12.91 -22.00
CA ALA A 518 -25.33 13.85 -21.49
C ALA A 518 -24.69 15.17 -21.09
N ARG A 519 -23.51 15.10 -20.48
CA ARG A 519 -22.76 16.31 -20.16
C ARG A 519 -22.45 17.10 -21.43
N ALA A 520 -22.08 16.40 -22.51
CA ALA A 520 -21.84 17.06 -23.79
C ALA A 520 -23.10 17.72 -24.35
N MET A 521 -24.26 17.05 -24.27
CA MET A 521 -25.50 17.68 -24.72
C MET A 521 -25.87 18.89 -23.87
N LEU A 522 -25.58 18.86 -22.56
CA LEU A 522 -25.94 20.00 -21.73
C LEU A 522 -25.19 21.25 -22.18
N LYS A 523 -23.91 21.13 -22.53
CA LYS A 523 -23.14 22.26 -23.01
C LYS A 523 -23.74 22.86 -24.28
N ASN A 524 -24.42 22.04 -25.10
CA ASN A 524 -25.04 22.46 -26.34
C ASN A 524 -24.04 23.16 -27.25
N PRO A 525 -23.07 22.44 -27.82
CA PRO A 525 -22.10 23.08 -28.70
C PRO A 525 -22.63 23.16 -30.13
N ALA A 526 -21.89 23.90 -30.96
CA ALA A 526 -22.16 23.97 -32.38
C ALA A 526 -21.18 23.15 -33.22
N ILE A 527 -19.99 22.89 -32.68
CA ILE A 527 -18.99 22.04 -33.33
C ILE A 527 -18.67 20.88 -32.40
N LEU A 528 -18.75 19.67 -32.92
CA LEU A 528 -18.65 18.46 -32.12
C LEU A 528 -17.50 17.61 -32.62
N LEU A 529 -16.71 17.07 -31.69
CA LEU A 529 -15.55 16.23 -31.98
C LEU A 529 -15.75 14.86 -31.33
N LEU A 530 -16.22 13.88 -32.11
CA LEU A 530 -16.30 12.49 -31.64
C LEU A 530 -14.97 11.81 -31.94
N ASP A 531 -14.17 11.59 -30.91
CA ASP A 531 -12.88 10.93 -31.04
C ASP A 531 -12.99 9.57 -30.37
N GLU A 532 -13.19 8.53 -31.20
CA GLU A 532 -13.31 7.15 -30.73
C GLU A 532 -14.43 7.02 -29.70
N ALA A 533 -15.68 7.26 -30.12
CA ALA A 533 -16.79 7.28 -29.18
C ALA A 533 -17.00 5.92 -28.51
N THR A 534 -17.12 4.86 -29.31
CA THR A 534 -17.34 3.52 -28.79
C THR A 534 -16.27 2.53 -29.26
N SER A 535 -15.01 2.93 -29.23
CA SER A 535 -13.92 2.11 -29.71
C SER A 535 -13.56 0.97 -28.77
N ALA A 536 -14.13 0.94 -27.55
CA ALA A 536 -13.77 -0.10 -26.58
C ALA A 536 -14.98 -0.66 -25.85
N LEU A 537 -16.14 -0.74 -26.51
CA LEU A 537 -17.36 -1.27 -25.91
C LEU A 537 -17.96 -2.34 -26.80
N ASP A 538 -18.85 -3.14 -26.22
CA ASP A 538 -19.50 -4.22 -26.94
C ASP A 538 -20.59 -3.69 -27.86
N SER A 539 -21.18 -4.60 -28.63
CA SER A 539 -22.24 -4.22 -29.56
C SER A 539 -23.56 -3.87 -28.87
N GLU A 540 -23.73 -4.27 -27.60
CA GLU A 540 -24.97 -3.97 -26.91
C GLU A 540 -25.01 -2.53 -26.44
N SER A 541 -23.94 -2.08 -25.76
CA SER A 541 -23.87 -0.70 -25.31
C SER A 541 -23.70 0.28 -26.46
N GLU A 542 -22.89 -0.06 -27.46
CA GLU A 542 -22.73 0.82 -28.61
C GLU A 542 -24.02 0.95 -29.40
N LYS A 543 -24.89 -0.06 -29.36
CA LYS A 543 -26.21 0.07 -30.01
C LYS A 543 -27.02 1.19 -29.37
N LEU A 544 -26.98 1.28 -28.03
CA LEU A 544 -27.67 2.37 -27.35
C LEU A 544 -26.96 3.70 -27.58
N VAL A 545 -25.63 3.70 -27.62
CA VAL A 545 -24.89 4.96 -27.71
C VAL A 545 -25.04 5.58 -29.09
N GLN A 546 -24.94 4.77 -30.15
CA GLN A 546 -24.86 5.29 -31.51
C GLN A 546 -26.12 6.04 -31.92
N GLU A 547 -27.30 5.51 -31.59
CA GLU A 547 -28.52 6.20 -31.95
C GLU A 547 -28.62 7.55 -31.25
N ALA A 548 -28.23 7.61 -29.97
CA ALA A 548 -28.22 8.87 -29.25
C ALA A 548 -27.25 9.88 -29.88
N LEU A 549 -26.07 9.42 -30.29
CA LEU A 549 -25.16 10.32 -31.00
C LEU A 549 -25.78 10.81 -32.31
N ASP A 550 -26.50 9.92 -33.01
CA ASP A 550 -27.17 10.32 -34.24
C ASP A 550 -28.22 11.39 -34.02
N ARG A 551 -29.03 11.27 -32.97
CA ARG A 551 -29.95 12.36 -32.63
C ARG A 551 -29.20 13.63 -32.23
N PHE A 552 -28.08 13.49 -31.53
CA PHE A 552 -27.27 14.65 -31.20
C PHE A 552 -26.41 15.14 -32.35
N MET A 553 -26.29 14.35 -33.42
CA MET A 553 -25.56 14.74 -34.61
C MET A 553 -26.25 15.84 -35.42
N ILE A 554 -27.59 15.82 -35.45
CA ILE A 554 -28.38 16.64 -36.36
C ILE A 554 -28.10 18.12 -36.12
N GLY A 555 -27.87 18.86 -37.21
CA GLY A 555 -27.72 20.30 -37.13
C GLY A 555 -26.43 20.78 -36.50
N ARG A 556 -25.35 20.02 -36.62
CA ARG A 556 -24.08 20.37 -36.02
C ARG A 556 -22.93 19.99 -36.94
N THR A 557 -21.96 20.89 -37.06
CA THR A 557 -20.72 20.55 -37.76
C THR A 557 -19.91 19.58 -36.90
N THR A 558 -19.88 18.32 -37.30
CA THR A 558 -19.32 17.26 -36.48
C THR A 558 -18.26 16.51 -37.27
N LEU A 559 -17.16 16.15 -36.61
CA LEU A 559 -16.06 15.42 -37.22
C LEU A 559 -15.84 14.14 -36.42
N ILE A 560 -16.26 13.02 -36.99
CA ILE A 560 -16.27 11.74 -36.30
C ILE A 560 -15.04 10.93 -36.69
N ILE A 561 -14.31 10.44 -35.69
CA ILE A 561 -13.29 9.43 -35.91
C ILE A 561 -13.91 8.08 -35.52
N ALA A 562 -14.37 7.34 -36.51
CA ALA A 562 -15.11 6.10 -36.28
C ALA A 562 -14.17 4.90 -36.26
N HIS A 563 -14.72 3.77 -35.83
CA HIS A 563 -13.96 2.52 -35.80
C HIS A 563 -14.74 1.42 -36.51
N ARG A 564 -16.04 1.65 -36.72
CA ARG A 564 -16.91 0.73 -37.44
C ARG A 564 -17.38 1.37 -38.73
N LEU A 565 -17.55 0.53 -39.75
CA LEU A 565 -17.97 1.02 -41.07
C LEU A 565 -19.45 1.41 -41.11
N SER A 566 -20.23 1.01 -40.11
CA SER A 566 -21.65 1.37 -40.11
C SER A 566 -21.84 2.88 -40.01
N THR A 567 -21.08 3.55 -39.15
CA THR A 567 -21.20 5.00 -39.04
C THR A 567 -20.60 5.69 -40.26
N ILE A 568 -19.52 5.13 -40.82
CA ILE A 568 -18.92 5.69 -42.03
C ILE A 568 -19.90 5.63 -43.18
N ARG A 569 -20.71 4.57 -43.26
CA ARG A 569 -21.77 4.50 -44.26
C ARG A 569 -22.76 5.64 -44.08
N LYS A 570 -22.99 6.06 -42.84
CA LYS A 570 -23.85 7.20 -42.54
C LYS A 570 -23.14 8.54 -42.72
N ALA A 571 -21.81 8.53 -42.83
CA ALA A 571 -21.06 9.77 -42.94
C ALA A 571 -21.26 10.42 -44.30
N ASP A 572 -21.27 11.75 -44.31
CA ASP A 572 -21.46 12.49 -45.54
C ASP A 572 -20.17 12.55 -46.37
N LEU A 573 -19.06 12.87 -45.73
CA LEU A 573 -17.77 12.98 -46.39
C LEU A 573 -16.74 12.15 -45.65
N VAL A 574 -15.89 11.46 -46.41
CA VAL A 574 -14.83 10.61 -45.85
C VAL A 574 -13.51 11.11 -46.41
N ALA A 575 -12.74 11.82 -45.60
CA ALA A 575 -11.41 12.29 -45.98
C ALA A 575 -10.38 11.42 -45.27
N VAL A 576 -9.62 10.66 -46.04
CA VAL A 576 -8.67 9.69 -45.49
C VAL A 576 -7.29 10.32 -45.51
N LEU A 577 -6.69 10.47 -44.32
CA LEU A 577 -5.31 10.91 -44.21
C LEU A 577 -4.36 9.76 -44.47
N GLN A 578 -3.15 10.10 -44.89
CA GLN A 578 -2.11 9.09 -45.15
C GLN A 578 -0.76 9.77 -44.92
N GLN A 579 0.01 9.25 -43.96
CA GLN A 579 1.30 9.83 -43.58
C GLN A 579 1.17 11.31 -43.21
N GLY A 580 0.08 11.65 -42.52
CA GLY A 580 -0.13 13.01 -42.05
C GLY A 580 -0.69 13.97 -43.09
N SER A 581 -1.05 13.48 -44.27
CA SER A 581 -1.62 14.34 -45.30
C SER A 581 -2.86 13.66 -45.87
N VAL A 582 -3.83 14.48 -46.27
CA VAL A 582 -5.06 13.96 -46.84
C VAL A 582 -4.76 13.39 -48.21
N SER A 583 -5.11 12.11 -48.41
CA SER A 583 -4.81 11.40 -49.65
C SER A 583 -6.06 11.07 -50.44
N GLU A 584 -7.08 10.50 -49.79
CA GLU A 584 -8.29 10.07 -50.48
C GLU A 584 -9.49 10.85 -49.93
N ILE A 585 -10.24 11.47 -50.82
CA ILE A 585 -11.43 12.24 -50.48
C ILE A 585 -12.59 11.67 -51.28
N GLY A 586 -13.65 11.27 -50.59
CA GLY A 586 -14.83 10.74 -51.25
C GLY A 586 -15.98 10.48 -50.30
N THR A 587 -16.89 9.60 -50.70
CA THR A 587 -18.02 9.20 -49.88
C THR A 587 -17.93 7.71 -49.57
N HIS A 588 -18.96 7.18 -48.92
CA HIS A 588 -18.98 5.75 -48.62
C HIS A 588 -19.04 4.91 -49.87
N ASP A 589 -19.82 5.32 -50.87
CA ASP A 589 -19.97 4.58 -52.12
C ASP A 589 -18.90 4.89 -53.15
N GLU A 590 -18.43 6.14 -53.21
CA GLU A 590 -17.44 6.51 -54.21
C GLU A 590 -16.10 5.84 -53.95
N LEU A 591 -15.69 5.74 -52.70
CA LEU A 591 -14.40 5.15 -52.35
C LEU A 591 -14.37 3.64 -52.50
N PHE A 592 -15.52 2.97 -52.38
CA PHE A 592 -15.55 1.51 -52.47
C PHE A 592 -15.56 1.03 -53.91
N SER A 593 -15.83 1.92 -54.87
CA SER A 593 -15.98 1.53 -56.26
C SER A 593 -14.66 1.25 -56.96
N LYS A 594 -13.52 1.55 -56.32
CA LYS A 594 -12.22 1.37 -56.93
C LYS A 594 -11.61 -0.01 -56.64
N GLY A 595 -12.35 -0.88 -55.96
CA GLY A 595 -11.90 -2.24 -55.74
C GLY A 595 -10.86 -2.36 -54.64
N GLU A 596 -10.34 -3.57 -54.49
CA GLU A 596 -9.35 -3.89 -53.48
C GLU A 596 -8.00 -3.22 -53.72
N ASN A 597 -7.77 -2.69 -54.93
CA ASN A 597 -6.53 -1.98 -55.19
C ASN A 597 -6.40 -0.71 -54.36
N GLY A 598 -7.52 -0.10 -54.00
CA GLY A 598 -7.49 1.10 -53.17
C GLY A 598 -7.38 0.78 -51.69
N VAL A 599 -6.99 1.80 -50.93
CA VAL A 599 -6.82 1.65 -49.48
C VAL A 599 -8.18 1.46 -48.80
N TYR A 600 -9.23 2.11 -49.31
CA TYR A 600 -10.53 2.06 -48.66
C TYR A 600 -11.07 0.64 -48.55
N ALA A 601 -10.95 -0.16 -49.60
CA ALA A 601 -11.43 -1.53 -49.55
C ALA A 601 -10.55 -2.41 -48.67
N LYS A 602 -9.23 -2.22 -48.73
CA LYS A 602 -8.33 -3.06 -47.96
C LYS A 602 -8.31 -2.70 -46.48
N LEU A 603 -8.86 -1.55 -46.10
CA LEU A 603 -8.93 -1.19 -44.68
C LEU A 603 -9.83 -2.11 -43.87
N ILE A 604 -10.73 -2.84 -44.53
CA ILE A 604 -11.64 -3.73 -43.81
C ILE A 604 -10.88 -4.84 -43.10
N LYS A 605 -9.78 -5.30 -43.71
CA LYS A 605 -9.04 -6.44 -43.15
C LYS A 605 -8.54 -6.16 -41.73
N MET A 606 -7.92 -5.00 -41.50
CA MET A 606 -7.50 -4.66 -40.15
C MET A 606 -8.53 -3.80 -39.41
N GLN A 607 -9.66 -3.49 -40.04
CA GLN A 607 -10.75 -2.84 -39.30
C GLN A 607 -11.58 -3.87 -38.54
N GLU A 608 -12.07 -4.89 -39.23
CA GLU A 608 -12.94 -5.88 -38.61
C GLU A 608 -12.17 -6.89 -37.76
N ALA A 609 -10.85 -6.97 -37.92
CA ALA A 609 -10.05 -7.91 -37.14
C ALA A 609 -9.72 -7.40 -35.75
N ALA A 610 -10.04 -6.14 -35.44
CA ALA A 610 -9.73 -5.56 -34.15
C ALA A 610 -10.79 -5.85 -33.09
N HIS A 611 -11.86 -6.56 -33.46
CA HIS A 611 -12.94 -6.89 -32.53
C HIS A 611 -12.85 -8.31 -32.00
N GLU A 612 -12.79 -9.30 -32.89
CA GLU A 612 -12.74 -10.69 -32.45
C GLU A 612 -11.44 -11.03 -31.75
N THR A 613 -10.32 -10.52 -32.25
CA THR A 613 -9.02 -10.86 -31.66
C THR A 613 -8.91 -10.33 -30.23
N ALA A 614 -9.35 -9.09 -29.99
CA ALA A 614 -9.27 -8.54 -28.64
C ALA A 614 -10.20 -9.25 -27.68
N MET A 615 -11.40 -9.62 -28.13
CA MET A 615 -12.38 -10.29 -27.28
C MET A 615 -12.00 -11.75 -27.07
N LYS A 676 -17.47 -8.52 20.91
CA LYS A 676 -16.11 -8.22 20.48
C LYS A 676 -15.12 -9.20 21.09
N LEU A 677 -14.72 -8.96 22.33
CA LEU A 677 -13.82 -9.86 23.04
C LEU A 677 -14.57 -11.06 23.61
N ALA A 678 -15.51 -10.81 24.53
CA ALA A 678 -16.40 -11.81 25.10
C ALA A 678 -15.67 -12.84 25.94
N PHE A 679 -14.35 -12.75 25.99
CA PHE A 679 -13.48 -13.66 26.74
C PHE A 679 -13.69 -15.13 26.38
N LYS A 680 -14.35 -15.41 25.25
CA LYS A 680 -14.50 -16.77 24.75
C LYS A 680 -14.16 -16.91 23.27
N ASP A 681 -14.32 -15.85 22.46
CA ASP A 681 -13.87 -15.87 21.08
C ASP A 681 -12.46 -15.31 20.94
N GLN A 682 -12.08 -14.34 21.77
CA GLN A 682 -10.72 -13.82 21.81
C GLN A 682 -9.85 -14.55 22.82
N ALA A 683 -10.40 -15.56 23.50
CA ALA A 683 -9.63 -16.45 24.35
C ALA A 683 -9.14 -17.69 23.62
N ASN A 684 -9.93 -18.22 22.68
CA ASN A 684 -9.44 -19.28 21.82
C ASN A 684 -8.34 -18.78 20.89
N SER A 685 -8.45 -17.55 20.41
CA SER A 685 -7.42 -17.01 19.51
C SER A 685 -6.06 -16.97 20.19
N PHE A 686 -6.01 -16.59 21.46
CA PHE A 686 -4.75 -16.65 22.21
C PHE A 686 -4.36 -18.09 22.52
N TRP A 687 -5.29 -18.88 23.06
CA TRP A 687 -4.96 -20.18 23.61
C TRP A 687 -4.71 -21.23 22.55
N ARG A 688 -5.50 -21.25 21.47
CA ARG A 688 -5.21 -22.17 20.37
C ARG A 688 -3.89 -21.80 19.69
N LEU A 689 -3.59 -20.50 19.58
CA LEU A 689 -2.31 -20.08 19.05
C LEU A 689 -1.16 -20.57 19.92
N ALA A 690 -1.29 -20.40 21.23
CA ALA A 690 -0.24 -20.85 22.15
C ALA A 690 -0.47 -22.29 22.61
N LYS A 691 -0.68 -23.18 21.65
CA LYS A 691 -0.60 -24.62 21.89
C LYS A 691 0.27 -25.25 20.81
N MET A 692 0.10 -24.79 19.57
CA MET A 692 1.02 -25.14 18.49
C MET A 692 2.37 -24.47 18.65
N ASN A 693 2.47 -23.46 19.51
CA ASN A 693 3.75 -22.91 19.93
C ASN A 693 4.25 -23.61 21.19
N SER A 694 4.22 -24.94 21.17
CA SER A 694 4.79 -25.68 22.30
C SER A 694 5.65 -26.87 21.89
N PRO A 695 6.55 -26.72 20.91
CA PRO A 695 7.77 -27.53 20.91
C PRO A 695 8.95 -26.82 21.54
N GLU A 696 8.75 -25.56 21.95
CA GLU A 696 9.81 -24.70 22.49
C GLU A 696 9.35 -24.19 23.85
N TRP A 697 9.59 -24.99 24.89
CA TRP A 697 9.44 -24.54 26.26
C TRP A 697 10.77 -24.35 26.97
N LYS A 698 11.84 -25.00 26.49
CA LYS A 698 13.18 -24.75 27.00
C LYS A 698 13.67 -23.35 26.68
N TYR A 699 13.07 -22.67 25.70
CA TYR A 699 13.46 -21.33 25.33
C TYR A 699 12.49 -20.27 25.82
N ALA A 700 11.26 -20.65 26.19
CA ALA A 700 10.33 -19.75 26.85
C ALA A 700 10.42 -19.85 28.36
N LEU A 701 11.25 -20.76 28.87
CA LEU A 701 11.54 -20.84 30.29
C LEU A 701 12.89 -20.24 30.67
N LEU A 702 13.83 -20.16 29.73
CA LEU A 702 15.07 -19.40 29.93
C LEU A 702 14.92 -17.95 29.48
N GLY A 703 13.69 -17.47 29.36
CA GLY A 703 13.43 -16.08 29.06
C GLY A 703 12.54 -15.46 30.12
N SER A 704 11.94 -16.32 30.96
CA SER A 704 11.24 -15.87 32.16
C SER A 704 12.18 -15.77 33.35
N VAL A 705 13.41 -16.24 33.22
CA VAL A 705 14.43 -16.04 34.24
C VAL A 705 15.17 -14.74 33.99
N GLY A 706 15.60 -14.52 32.75
CA GLY A 706 16.21 -13.28 32.33
C GLY A 706 15.27 -12.11 32.29
N SER A 707 13.97 -12.34 32.45
CA SER A 707 13.00 -11.27 32.65
C SER A 707 12.72 -11.01 34.12
N VAL A 708 13.05 -11.96 35.00
CA VAL A 708 12.91 -11.73 36.43
C VAL A 708 14.15 -11.06 37.03
N ILE A 709 15.35 -11.48 36.62
CA ILE A 709 16.56 -10.91 37.17
C ILE A 709 17.01 -9.76 36.26
N CYS A 710 16.09 -9.29 35.41
CA CYS A 710 16.21 -7.98 34.80
C CYS A 710 15.18 -6.98 35.33
N GLY A 711 14.07 -7.45 35.91
CA GLY A 711 13.17 -6.59 36.64
C GLY A 711 13.51 -6.46 38.11
N SER A 712 14.34 -7.34 38.64
CA SER A 712 14.85 -7.24 40.00
C SER A 712 16.12 -6.40 40.09
N LEU A 713 16.58 -5.85 38.97
CA LEU A 713 17.73 -4.96 38.97
C LEU A 713 17.33 -3.51 38.68
N SER A 714 16.10 -3.26 38.26
CA SER A 714 15.56 -1.91 38.19
C SER A 714 14.96 -1.47 39.52
N ALA A 715 14.91 -2.38 40.49
CA ALA A 715 14.54 -2.05 41.86
C ALA A 715 15.70 -2.14 42.84
N PHE A 716 16.77 -2.86 42.50
CA PHE A 716 17.99 -2.87 43.30
C PHE A 716 18.94 -1.73 42.92
N PHE A 717 18.56 -0.91 41.93
CA PHE A 717 19.29 0.30 41.59
C PHE A 717 18.63 1.54 42.17
N ALA A 718 17.32 1.69 42.00
CA ALA A 718 16.58 2.77 42.64
C ALA A 718 16.59 2.66 44.16
N TYR A 719 16.78 1.45 44.70
CA TYR A 719 16.92 1.32 46.15
C TYR A 719 18.28 1.79 46.64
N VAL A 720 19.35 1.48 45.91
CA VAL A 720 20.67 1.98 46.27
C VAL A 720 20.73 3.49 46.12
N LEU A 721 20.13 4.01 45.05
CA LEU A 721 20.10 5.45 44.78
C LEU A 721 19.38 6.22 45.88
N SER A 722 18.57 5.56 46.70
CA SER A 722 17.93 6.18 47.86
C SER A 722 18.61 5.83 49.16
N ALA A 723 19.23 4.67 49.28
CA ALA A 723 20.00 4.32 50.47
C ALA A 723 21.30 5.10 50.57
N VAL A 724 21.78 5.68 49.48
CA VAL A 724 22.90 6.62 49.55
C VAL A 724 22.44 7.99 50.03
N LEU A 725 21.25 8.42 49.62
CA LEU A 725 20.73 9.70 50.06
C LEU A 725 20.46 9.73 51.56
N SER A 726 19.98 8.62 52.12
CA SER A 726 19.72 8.57 53.56
C SER A 726 21.01 8.76 54.36
N VAL A 727 22.11 8.14 53.92
CA VAL A 727 23.35 8.19 54.68
C VAL A 727 24.12 9.50 54.49
N TYR A 728 23.71 10.34 53.53
CA TYR A 728 24.36 11.62 53.35
C TYR A 728 24.20 12.55 54.54
N TYR A 729 23.19 12.34 55.38
CA TYR A 729 22.86 13.25 56.46
C TYR A 729 23.30 12.73 57.82
N ASN A 730 24.05 11.63 57.86
CA ASN A 730 24.50 11.12 59.14
C ASN A 730 25.63 11.99 59.69
N PRO A 731 25.50 12.49 60.92
CA PRO A 731 26.56 13.32 61.50
C PRO A 731 27.85 12.58 61.78
N ASP A 732 27.83 11.25 61.85
CA ASP A 732 29.02 10.45 62.10
C ASP A 732 29.68 10.14 60.75
N HIS A 733 30.72 10.91 60.41
CA HIS A 733 31.38 10.73 59.12
C HIS A 733 32.12 9.40 59.03
N GLU A 734 32.54 8.82 60.16
CA GLU A 734 33.22 7.54 60.12
C GLU A 734 32.31 6.43 59.63
N TYR A 735 31.04 6.44 60.06
CA TYR A 735 30.08 5.43 59.60
C TYR A 735 29.63 5.69 58.18
N MET A 736 29.62 6.94 57.73
CA MET A 736 29.06 7.28 56.43
C MET A 736 29.93 6.73 55.29
N ILE A 737 31.24 6.71 55.47
CA ILE A 737 32.12 6.20 54.42
C ILE A 737 31.93 4.70 54.23
N LYS A 738 31.73 3.98 55.33
CA LYS A 738 31.60 2.51 55.25
C LYS A 738 30.41 2.09 54.43
N GLN A 739 29.33 2.87 54.41
CA GLN A 739 28.17 2.55 53.59
C GLN A 739 28.30 3.00 52.16
N ILE A 740 28.98 4.12 51.90
CA ILE A 740 29.28 4.51 50.53
C ILE A 740 30.18 3.49 49.85
N ASP A 741 31.14 2.92 50.59
CA ASP A 741 31.98 1.87 50.02
C ASP A 741 31.16 0.63 49.66
N LYS A 742 30.23 0.25 50.52
CA LYS A 742 29.44 -0.96 50.26
C LYS A 742 28.54 -0.78 49.04
N TYR A 743 27.89 0.37 48.92
CA TYR A 743 26.97 0.61 47.81
C TYR A 743 27.69 0.96 46.52
N CYS A 744 28.99 1.21 46.56
CA CYS A 744 29.79 1.37 45.36
C CYS A 744 30.42 0.05 44.92
N TYR A 745 30.19 -1.03 45.67
CA TYR A 745 30.66 -2.36 45.29
C TYR A 745 29.52 -3.26 44.84
N LEU A 746 28.28 -2.83 45.03
CA LEU A 746 27.14 -3.53 44.44
C LEU A 746 26.86 -3.04 43.03
N LEU A 747 26.87 -1.71 42.83
CA LEU A 747 26.68 -1.15 41.52
C LEU A 747 27.79 -1.52 40.54
N ILE A 748 28.98 -1.84 41.05
CA ILE A 748 30.03 -2.35 40.19
C ILE A 748 29.96 -3.87 40.08
N GLY A 749 29.65 -4.56 41.16
CA GLY A 749 29.54 -6.01 41.15
C GLY A 749 28.38 -6.51 40.33
N LEU A 750 27.15 -6.18 40.73
CA LEU A 750 25.94 -6.65 40.04
C LEU A 750 25.62 -5.73 38.87
N SER A 751 26.64 -5.47 38.06
CA SER A 751 26.46 -4.81 36.77
C SER A 751 26.72 -5.82 35.67
N SER A 752 27.64 -6.75 35.92
CA SER A 752 27.80 -7.90 35.03
C SER A 752 26.55 -8.77 35.02
N ALA A 753 25.84 -8.85 36.16
CA ALA A 753 24.59 -9.58 36.24
C ALA A 753 23.45 -8.90 35.49
N ALA A 754 23.62 -7.63 35.12
CA ALA A 754 22.69 -6.96 34.22
C ALA A 754 23.15 -7.00 32.77
N LEU A 755 24.46 -7.04 32.54
CA LEU A 755 24.98 -7.25 31.19
C LEU A 755 24.64 -8.64 30.67
N VAL A 756 24.75 -9.66 31.52
CA VAL A 756 24.57 -11.04 31.08
C VAL A 756 23.08 -11.37 30.96
N PHE A 757 22.30 -11.07 32.00
CA PHE A 757 20.90 -11.46 32.03
C PHE A 757 20.02 -10.63 31.10
N ASN A 758 20.56 -9.56 30.51
CA ASN A 758 19.86 -8.83 29.46
C ASN A 758 20.11 -9.39 28.09
N THR A 759 21.04 -10.34 27.96
CA THR A 759 21.25 -11.08 26.72
C THR A 759 20.64 -12.47 26.78
N LEU A 760 19.91 -12.79 27.85
CA LEU A 760 19.09 -13.98 27.91
C LEU A 760 17.61 -13.68 27.81
N GLN A 761 17.19 -12.45 28.07
CA GLN A 761 15.80 -12.07 27.91
C GLN A 761 15.46 -11.78 26.46
N HIS A 762 16.26 -10.96 25.80
CA HIS A 762 15.99 -10.55 24.43
C HIS A 762 16.61 -11.50 23.39
N SER A 763 17.36 -12.51 23.81
CA SER A 763 17.92 -13.48 22.90
C SER A 763 17.25 -14.85 23.00
N PHE A 764 16.45 -15.08 24.03
CA PHE A 764 15.67 -16.31 24.14
C PHE A 764 14.17 -16.08 23.99
N TRP A 765 13.71 -14.83 24.04
CA TRP A 765 12.37 -14.49 23.61
C TRP A 765 12.31 -14.14 22.13
N ASP A 766 13.46 -14.18 21.45
CA ASP A 766 13.51 -13.98 20.01
C ASP A 766 13.63 -15.29 19.25
N ILE A 767 13.69 -16.41 19.95
CA ILE A 767 13.60 -17.72 19.33
C ILE A 767 12.20 -18.29 19.43
N VAL A 768 11.54 -18.08 20.57
CA VAL A 768 10.14 -18.48 20.72
C VAL A 768 9.26 -17.69 19.75
N GLY A 769 9.50 -16.39 19.64
CA GLY A 769 8.72 -15.53 18.77
C GLY A 769 9.13 -15.54 17.31
N GLU A 770 10.20 -16.22 16.95
CA GLU A 770 10.63 -16.30 15.57
C GLU A 770 10.35 -17.64 14.90
N ASN A 771 10.16 -18.70 15.68
CA ASN A 771 9.75 -19.99 15.13
C ASN A 771 8.24 -20.13 15.03
N LEU A 772 7.48 -19.39 15.84
CA LEU A 772 6.03 -19.39 15.70
C LEU A 772 5.61 -18.77 14.38
N THR A 773 6.26 -17.67 13.98
CA THR A 773 5.92 -17.01 12.72
C THR A 773 6.23 -17.88 11.51
N LYS A 774 7.37 -18.58 11.52
CA LYS A 774 7.69 -19.48 10.42
C LYS A 774 6.70 -20.63 10.34
N ARG A 775 6.24 -21.14 11.48
CA ARG A 775 5.27 -22.22 11.50
C ARG A 775 3.87 -21.76 11.10
N VAL A 776 3.52 -20.50 11.36
CA VAL A 776 2.20 -19.99 11.01
C VAL A 776 2.16 -19.41 9.60
N ARG A 777 3.31 -19.10 9.00
CA ARG A 777 3.36 -18.58 7.65
C ARG A 777 3.31 -19.66 6.58
N GLU A 778 3.50 -20.93 6.96
CA GLU A 778 3.39 -22.01 6.01
C GLU A 778 2.24 -22.96 6.31
N LYS A 779 1.61 -22.85 7.48
CA LYS A 779 0.31 -23.50 7.68
C LYS A 779 -0.77 -22.84 6.83
N MET A 780 -0.68 -21.53 6.62
CA MET A 780 -1.63 -20.84 5.76
C MET A 780 -1.42 -21.20 4.29
N LEU A 781 -0.17 -21.21 3.83
CA LEU A 781 0.10 -21.52 2.44
C LEU A 781 -0.34 -22.93 2.09
N SER A 782 -0.12 -23.89 2.98
CA SER A 782 -0.59 -25.25 2.79
C SER A 782 -2.11 -25.36 2.83
N ALA A 783 -2.80 -24.29 3.24
CA ALA A 783 -4.25 -24.22 3.18
C ALA A 783 -4.75 -23.36 2.03
N VAL A 784 -4.05 -22.27 1.69
CA VAL A 784 -4.39 -21.49 0.51
C VAL A 784 -4.18 -22.30 -0.76
N LEU A 785 -3.22 -23.22 -0.76
CA LEU A 785 -3.01 -24.12 -1.90
C LEU A 785 -3.93 -25.33 -1.85
N LYS A 786 -5.04 -25.23 -1.12
CA LYS A 786 -5.96 -26.34 -0.96
C LYS A 786 -7.41 -25.99 -1.27
N ASN A 787 -7.73 -24.70 -1.43
CA ASN A 787 -9.12 -24.29 -1.67
C ASN A 787 -9.57 -24.69 -3.08
N GLU A 788 -10.86 -24.51 -3.32
CA GLU A 788 -11.43 -24.80 -4.63
C GLU A 788 -10.93 -23.79 -5.66
N MET A 789 -11.00 -24.18 -6.93
CA MET A 789 -10.63 -23.26 -8.00
C MET A 789 -11.55 -22.05 -8.04
N ALA A 790 -12.81 -22.22 -7.64
CA ALA A 790 -13.75 -21.09 -7.62
C ALA A 790 -13.45 -20.11 -6.50
N TRP A 791 -12.68 -20.53 -5.48
CA TRP A 791 -12.37 -19.63 -4.38
C TRP A 791 -11.47 -18.48 -4.83
N PHE A 792 -10.69 -18.68 -5.88
CA PHE A 792 -9.81 -17.64 -6.40
C PHE A 792 -10.51 -16.66 -7.31
N ASP A 793 -11.79 -16.87 -7.60
CA ASP A 793 -12.56 -15.99 -8.48
C ASP A 793 -13.66 -15.24 -7.73
N GLN A 794 -13.47 -15.02 -6.44
CA GLN A 794 -14.43 -14.25 -5.64
C GLN A 794 -14.18 -12.76 -5.68
N GLU A 795 -13.16 -12.32 -6.42
CA GLU A 795 -12.81 -10.91 -6.61
C GLU A 795 -12.29 -10.29 -5.31
N GLU A 796 -12.26 -11.07 -4.24
CA GLU A 796 -11.55 -10.67 -3.03
C GLU A 796 -10.20 -11.36 -2.89
N ASN A 797 -10.00 -12.46 -3.59
CA ASN A 797 -8.72 -13.18 -3.60
C ASN A 797 -7.89 -12.82 -4.83
N GLU A 798 -7.48 -11.55 -4.93
CA GLU A 798 -6.68 -11.11 -6.06
C GLU A 798 -5.24 -11.58 -5.92
N SER A 799 -4.39 -11.19 -6.86
CA SER A 799 -3.00 -11.65 -6.87
C SER A 799 -2.22 -11.21 -5.63
N ALA A 800 -2.01 -9.90 -5.49
CA ALA A 800 -1.24 -9.37 -4.37
C ALA A 800 -2.14 -8.94 -3.22
N ARG A 801 -3.04 -9.81 -2.79
CA ARG A 801 -3.85 -9.52 -1.62
C ARG A 801 -3.88 -10.73 -0.68
N ILE A 802 -3.70 -11.93 -1.23
CA ILE A 802 -3.32 -13.07 -0.38
C ILE A 802 -1.89 -12.91 0.09
N ALA A 803 -1.00 -12.44 -0.79
CA ALA A 803 0.37 -12.16 -0.41
C ALA A 803 0.48 -11.03 0.60
N ALA A 804 -0.48 -10.11 0.62
CA ALA A 804 -0.52 -9.08 1.65
C ALA A 804 -1.06 -9.61 2.98
N ARG A 805 -2.06 -10.49 2.93
CA ARG A 805 -2.57 -11.10 4.15
C ARG A 805 -1.57 -12.04 4.79
N LEU A 806 -0.73 -12.72 4.00
CA LEU A 806 0.28 -13.62 4.53
C LEU A 806 1.55 -12.89 4.95
N ALA A 807 1.59 -11.57 4.79
CA ALA A 807 2.76 -10.80 5.18
C ALA A 807 2.46 -9.68 6.17
N LEU A 808 1.20 -9.28 6.34
CA LEU A 808 0.82 -8.26 7.29
C LEU A 808 0.00 -8.81 8.45
N ASP A 809 -0.67 -9.93 8.28
CA ASP A 809 -1.40 -10.58 9.36
C ASP A 809 -0.59 -11.71 10.00
N ALA A 810 0.64 -11.91 9.54
CA ALA A 810 1.54 -12.89 10.14
C ALA A 810 2.71 -12.25 10.87
N ASN A 811 2.98 -10.96 10.64
CA ASN A 811 3.97 -10.22 11.42
C ASN A 811 3.38 -9.61 12.68
N ASN A 812 2.05 -9.62 12.82
CA ASN A 812 1.40 -9.16 14.03
C ASN A 812 1.17 -10.28 15.03
N VAL A 813 1.47 -11.53 14.65
CA VAL A 813 1.42 -12.65 15.58
C VAL A 813 2.73 -12.81 16.33
N ARG A 814 3.81 -12.15 15.87
CA ARG A 814 5.08 -12.18 16.58
C ARG A 814 4.99 -11.41 17.90
N SER A 815 4.16 -10.37 17.95
CA SER A 815 4.01 -9.53 19.13
C SER A 815 2.78 -9.88 19.94
N ALA A 816 2.43 -11.15 20.02
CA ALA A 816 1.20 -11.55 20.71
C ALA A 816 1.44 -12.45 21.90
N ILE A 817 2.40 -13.37 21.83
CA ILE A 817 2.62 -14.32 22.91
C ILE A 817 4.01 -14.11 23.52
N GLY A 818 5.05 -14.28 22.71
CA GLY A 818 6.40 -14.19 23.24
C GLY A 818 6.76 -12.81 23.76
N ASP A 819 6.25 -11.75 23.12
CA ASP A 819 6.60 -10.39 23.47
C ASP A 819 5.66 -9.78 24.51
N ARG A 820 4.70 -10.55 25.03
CA ARG A 820 3.81 -10.05 26.07
C ARG A 820 3.88 -10.84 27.37
N ILE A 821 4.31 -12.09 27.34
CA ILE A 821 4.65 -12.78 28.58
C ILE A 821 5.95 -12.23 29.17
N SER A 822 6.80 -11.64 28.34
CA SER A 822 8.06 -11.09 28.80
C SER A 822 7.94 -9.69 29.38
N VAL A 823 6.74 -9.10 29.38
CA VAL A 823 6.54 -7.78 29.96
C VAL A 823 5.67 -7.91 31.20
N ILE A 824 4.76 -8.88 31.20
CA ILE A 824 3.97 -9.14 32.39
C ILE A 824 4.86 -9.66 33.51
N VAL A 825 5.75 -10.60 33.20
CA VAL A 825 6.64 -11.15 34.21
C VAL A 825 7.69 -10.13 34.64
N GLN A 826 8.25 -9.38 33.68
CA GLN A 826 9.29 -8.42 34.01
C GLN A 826 8.79 -7.33 34.95
N ASN A 827 7.57 -6.85 34.74
CA ASN A 827 6.98 -5.85 35.62
C ASN A 827 6.32 -6.46 36.87
N THR A 828 5.98 -7.74 36.84
CA THR A 828 5.50 -8.39 38.05
C THR A 828 6.65 -8.66 39.01
N ALA A 829 7.85 -8.85 38.48
CA ALA A 829 9.03 -9.04 39.31
C ALA A 829 9.65 -7.73 39.76
N LEU A 830 9.06 -6.58 39.38
CA LEU A 830 9.53 -5.27 39.81
C LEU A 830 8.71 -4.71 40.96
N MET A 831 7.38 -4.82 40.88
CA MET A 831 6.48 -4.38 41.93
C MET A 831 6.48 -5.32 43.13
N LEU A 832 7.17 -6.45 43.02
CA LEU A 832 7.37 -7.35 44.16
C LEU A 832 8.67 -7.09 44.90
N VAL A 833 9.62 -6.40 44.28
CA VAL A 833 10.83 -5.95 44.98
C VAL A 833 10.72 -4.50 45.41
N ALA A 834 9.87 -3.69 44.76
CA ALA A 834 9.64 -2.33 45.24
C ALA A 834 8.69 -2.32 46.44
N CYS A 835 7.54 -2.98 46.32
CA CYS A 835 6.53 -2.99 47.37
C CYS A 835 6.92 -3.87 48.56
N THR A 836 8.03 -4.62 48.46
CA THR A 836 8.56 -5.32 49.63
C THR A 836 9.47 -4.43 50.46
N ALA A 837 10.45 -3.78 49.83
CA ALA A 837 11.30 -2.82 50.50
C ALA A 837 10.55 -1.55 50.90
N GLY A 838 9.36 -1.32 50.34
CA GLY A 838 8.53 -0.22 50.82
C GLY A 838 7.69 -0.61 52.02
N PHE A 839 7.10 -1.79 51.97
CA PHE A 839 6.24 -2.23 53.07
C PHE A 839 7.03 -2.63 54.31
N VAL A 840 8.28 -3.09 54.16
CA VAL A 840 9.05 -3.50 55.32
C VAL A 840 9.34 -2.31 56.23
N LEU A 841 9.72 -1.18 55.64
CA LEU A 841 10.16 -0.03 56.44
C LEU A 841 8.98 0.64 57.15
N GLN A 842 8.03 1.15 56.39
CA GLN A 842 6.90 1.87 56.98
C GLN A 842 5.67 1.59 56.13
N TRP A 843 4.72 0.83 56.69
CA TRP A 843 3.55 0.40 55.93
C TRP A 843 2.48 1.48 55.80
N ARG A 844 2.54 2.53 56.62
CA ARG A 844 1.57 3.62 56.49
C ARG A 844 1.87 4.52 55.30
N LEU A 845 3.09 4.51 54.78
CA LEU A 845 3.45 5.29 53.61
C LEU A 845 3.53 4.47 52.34
N ALA A 846 3.78 3.17 52.43
CA ALA A 846 3.77 2.31 51.26
C ALA A 846 2.37 1.98 50.79
N LEU A 847 1.36 2.20 51.62
CA LEU A 847 -0.03 2.05 51.20
C LEU A 847 -0.56 3.29 50.48
N VAL A 848 -0.18 4.48 50.95
CA VAL A 848 -0.66 5.70 50.30
C VAL A 848 -0.01 5.87 48.93
N LEU A 849 1.29 5.57 48.83
CA LEU A 849 1.98 5.71 47.55
C LEU A 849 1.49 4.72 46.51
N VAL A 850 1.07 3.52 46.93
CA VAL A 850 0.50 2.56 45.98
C VAL A 850 -0.85 3.05 45.48
N ALA A 851 -1.66 3.68 46.33
CA ALA A 851 -2.95 4.19 45.91
C ALA A 851 -2.83 5.22 44.79
N VAL A 852 -1.75 5.99 44.76
CA VAL A 852 -1.52 6.96 43.70
C VAL A 852 -0.36 6.52 42.79
N PHE A 853 -0.10 5.22 42.73
CA PHE A 853 0.96 4.68 41.89
C PHE A 853 0.54 4.56 40.43
N PRO A 854 -0.66 4.06 40.11
CA PRO A 854 -1.05 3.99 38.68
C PRO A 854 -1.05 5.34 37.98
N VAL A 855 -1.42 6.42 38.68
CA VAL A 855 -1.45 7.74 38.05
C VAL A 855 -0.05 8.30 37.81
N VAL A 856 0.99 7.64 38.32
CA VAL A 856 2.35 8.03 38.01
C VAL A 856 2.84 7.35 36.74
N VAL A 857 2.61 6.05 36.60
CA VAL A 857 2.99 5.36 35.37
C VAL A 857 2.14 5.81 34.19
N ALA A 858 0.85 6.08 34.41
CA ALA A 858 0.01 6.60 33.33
C ALA A 858 0.50 7.97 32.86
N ALA A 859 0.98 8.80 33.78
CA ALA A 859 1.53 10.10 33.45
C ALA A 859 2.91 10.01 32.80
N THR A 860 3.71 9.00 33.16
CA THR A 860 5.02 8.80 32.57
C THR A 860 4.97 8.19 31.18
N VAL A 861 3.97 7.36 30.88
CA VAL A 861 3.82 6.82 29.53
C VAL A 861 3.56 7.94 28.54
N LEU A 862 2.76 8.93 28.95
CA LEU A 862 2.52 10.10 28.11
C LEU A 862 3.77 10.93 27.86
N GLN A 863 4.79 10.79 28.71
CA GLN A 863 6.05 11.47 28.48
C GLN A 863 6.91 10.77 27.44
N LYS A 864 6.56 9.55 27.05
CA LYS A 864 7.25 8.84 25.98
C LYS A 864 6.41 8.68 24.72
N MET A 865 5.09 8.86 24.81
CA MET A 865 4.27 9.06 23.62
C MET A 865 4.13 10.53 23.27
N PHE A 866 5.10 11.35 23.67
CA PHE A 866 5.13 12.77 23.34
C PHE A 866 6.30 13.05 22.40
N MET A 867 7.34 12.20 22.47
CA MET A 867 8.49 12.34 21.59
C MET A 867 8.10 12.02 20.15
N THR A 868 7.37 10.93 19.94
CA THR A 868 6.90 10.59 18.60
C THR A 868 5.93 11.66 18.08
N GLY A 869 5.06 12.14 18.95
CA GLY A 869 4.14 13.21 18.59
C GLY A 869 2.69 12.77 18.54
N PHE A 870 1.79 13.68 18.85
CA PHE A 870 0.36 13.42 18.75
C PHE A 870 -0.14 13.76 17.34
N SER A 871 -1.30 13.19 16.99
CA SER A 871 -1.91 13.35 15.68
C SER A 871 -0.96 12.88 14.57
N GLY A 872 -0.62 11.60 14.65
CA GLY A 872 0.13 10.97 13.60
C GLY A 872 -0.75 10.60 12.43
N ASP A 873 -0.16 9.87 11.48
CA ASP A 873 -0.87 9.40 10.29
C ASP A 873 -1.45 10.60 9.54
N LEU A 874 -0.55 11.43 9.00
CA LEU A 874 -0.98 12.64 8.31
C LEU A 874 -1.72 12.34 7.01
N GLU A 875 -1.25 11.36 6.24
CA GLU A 875 -1.73 11.15 4.88
C GLU A 875 -3.12 10.53 4.81
N ALA A 876 -3.51 9.70 5.78
CA ALA A 876 -4.81 9.04 5.68
C ALA A 876 -5.95 9.99 6.00
N ALA A 877 -5.68 11.03 6.81
CA ALA A 877 -6.69 12.05 7.05
C ALA A 877 -7.03 12.80 5.77
N HIS A 878 -6.04 13.12 4.95
CA HIS A 878 -6.27 13.74 3.64
C HIS A 878 -6.24 12.67 2.55
N ALA A 879 -7.18 11.74 2.65
CA ALA A 879 -7.31 10.67 1.67
C ALA A 879 -8.61 10.71 0.88
N LYS A 880 -9.62 11.45 1.34
CA LYS A 880 -10.86 11.62 0.60
C LYS A 880 -10.77 12.74 -0.42
N GLY A 881 -10.20 13.88 -0.06
CA GLY A 881 -10.05 14.99 -0.98
C GLY A 881 -8.98 14.76 -2.02
N THR A 882 -7.91 14.05 -1.66
CA THR A 882 -6.82 13.80 -2.58
C THR A 882 -7.23 12.90 -3.75
N GLN A 883 -8.32 12.13 -3.61
CA GLN A 883 -8.84 11.38 -4.74
C GLN A 883 -9.29 12.32 -5.86
N LEU A 884 -9.98 13.40 -5.51
CA LEU A 884 -10.36 14.40 -6.49
C LEU A 884 -9.15 15.03 -7.17
N ALA A 885 -8.10 15.34 -6.41
CA ALA A 885 -6.88 15.89 -7.01
C ALA A 885 -6.27 14.90 -7.99
N GLY A 886 -6.10 13.65 -7.57
CA GLY A 886 -5.47 12.64 -8.39
C GLY A 886 -6.25 12.23 -9.61
N GLU A 887 -7.58 12.33 -9.58
CA GLU A 887 -8.40 12.08 -10.76
C GLU A 887 -8.68 13.32 -11.59
N ALA A 888 -8.42 14.53 -11.06
CA ALA A 888 -8.66 15.73 -11.84
C ALA A 888 -7.41 16.18 -12.60
N ILE A 889 -6.24 16.11 -11.95
CA ILE A 889 -5.03 16.56 -12.64
C ILE A 889 -4.57 15.50 -13.65
N ALA A 890 -4.82 14.22 -13.34
CA ALA A 890 -4.49 13.17 -14.29
C ALA A 890 -5.33 13.29 -15.56
N ASN A 891 -6.62 13.57 -15.43
CA ASN A 891 -7.49 13.82 -16.59
C ASN A 891 -7.56 15.32 -16.87
N VAL A 892 -6.38 15.92 -17.05
CA VAL A 892 -6.28 17.36 -17.28
C VAL A 892 -6.92 17.77 -18.61
N ARG A 893 -6.83 16.93 -19.64
CA ARG A 893 -7.40 17.28 -20.93
C ARG A 893 -8.91 17.47 -20.84
N THR A 894 -9.60 16.55 -20.14
CA THR A 894 -11.04 16.67 -19.98
C THR A 894 -11.41 17.82 -19.06
N VAL A 895 -10.57 18.09 -18.05
CA VAL A 895 -10.83 19.21 -17.15
C VAL A 895 -10.74 20.53 -17.89
N ALA A 896 -9.75 20.68 -18.76
CA ALA A 896 -9.52 21.93 -19.47
C ALA A 896 -10.30 22.04 -20.77
N ALA A 897 -10.86 20.95 -21.28
CA ALA A 897 -11.70 21.05 -22.47
C ALA A 897 -12.93 21.90 -22.18
N PHE A 898 -13.66 21.56 -21.13
CA PHE A 898 -14.61 22.49 -20.54
C PHE A 898 -13.84 23.54 -19.74
N ASN A 899 -14.46 24.70 -19.55
CA ASN A 899 -13.80 25.71 -18.72
C ASN A 899 -14.10 25.51 -17.24
N SER A 900 -13.92 24.27 -16.76
CA SER A 900 -14.10 23.95 -15.35
C SER A 900 -12.75 23.78 -14.67
N GLU A 901 -11.99 24.87 -14.64
CA GLU A 901 -10.72 24.88 -13.91
C GLU A 901 -10.84 25.58 -12.56
N ALA A 902 -11.90 26.35 -12.33
CA ALA A 902 -12.18 26.95 -11.04
C ALA A 902 -13.32 26.27 -10.29
N LYS A 903 -14.19 25.55 -11.00
CA LYS A 903 -15.28 24.81 -10.38
C LYS A 903 -14.81 23.48 -9.79
N ILE A 904 -13.56 23.10 -10.03
CA ILE A 904 -12.96 21.97 -9.33
C ILE A 904 -12.12 22.42 -8.14
N VAL A 905 -11.51 23.60 -8.19
CA VAL A 905 -10.85 24.16 -7.02
C VAL A 905 -11.88 24.41 -5.92
N ARG A 906 -13.07 24.86 -6.30
CA ARG A 906 -14.13 25.07 -5.31
C ARG A 906 -14.59 23.75 -4.68
N LEU A 907 -14.62 22.67 -5.47
CA LEU A 907 -14.98 21.36 -4.95
C LEU A 907 -13.86 20.74 -4.11
N TYR A 908 -12.62 21.11 -4.38
CA TYR A 908 -11.48 20.64 -3.59
C TYR A 908 -11.26 21.42 -2.31
N THR A 909 -11.68 22.69 -2.25
CA THR A 909 -11.59 23.45 -1.01
C THR A 909 -12.60 22.95 0.02
N ALA A 910 -13.82 22.68 -0.42
CA ALA A 910 -14.91 22.29 0.47
C ALA A 910 -14.76 20.87 1.01
N ASN A 911 -13.82 20.08 0.48
CA ASN A 911 -13.57 18.73 0.97
C ASN A 911 -12.32 18.65 1.83
N LEU A 912 -11.85 19.80 2.32
CA LEU A 912 -10.72 19.86 3.23
C LEU A 912 -11.06 20.48 4.58
N GLU A 913 -12.24 21.07 4.75
CA GLU A 913 -12.66 21.67 6.01
C GLU A 913 -13.11 20.63 7.04
N PRO A 914 -13.82 19.56 6.66
CA PRO A 914 -14.19 18.54 7.65
C PRO A 914 -12.98 17.96 8.39
N PRO A 915 -11.82 17.77 7.72
CA PRO A 915 -10.62 17.41 8.49
C PRO A 915 -10.08 18.58 9.31
N LEU A 916 -10.34 19.81 8.87
CA LEU A 916 -9.90 20.99 9.57
C LEU A 916 -10.77 21.33 10.77
N LYS A 917 -11.99 20.77 10.84
CA LYS A 917 -12.81 20.88 12.03
C LYS A 917 -12.61 19.69 12.97
N ARG A 918 -11.71 18.78 12.63
CA ARG A 918 -11.35 17.67 13.49
C ARG A 918 -9.93 17.76 14.02
N CYS A 919 -8.99 18.26 13.23
CA CYS A 919 -7.60 18.41 13.65
C CYS A 919 -7.43 19.50 14.70
N PHE A 920 -8.44 20.33 14.94
CA PHE A 920 -8.39 21.34 15.97
C PHE A 920 -8.91 20.81 17.30
N TRP A 921 -10.06 20.14 17.28
CA TRP A 921 -10.55 19.48 18.48
C TRP A 921 -9.64 18.34 18.93
N LYS A 922 -8.99 17.63 18.01
CA LYS A 922 -7.99 16.66 18.40
C LYS A 922 -6.82 17.30 19.15
N GLY A 923 -6.33 18.44 18.65
CA GLY A 923 -5.29 19.16 19.36
C GLY A 923 -5.70 19.67 20.72
N GLN A 924 -6.92 20.18 20.85
CA GLN A 924 -7.42 20.59 22.16
C GLN A 924 -7.55 19.41 23.13
N ILE A 925 -8.08 18.29 22.66
CA ILE A 925 -8.27 17.13 23.53
C ILE A 925 -6.93 16.56 23.97
N ALA A 926 -6.00 16.39 23.03
CA ALA A 926 -4.68 15.86 23.34
C ALA A 926 -3.82 16.84 24.12
N GLY A 927 -4.23 18.11 24.20
CA GLY A 927 -3.54 19.07 25.02
C GLY A 927 -4.05 19.05 26.44
N SER A 928 -5.37 19.06 26.60
CA SER A 928 -5.98 19.00 27.92
C SER A 928 -5.70 17.69 28.63
N GLY A 929 -5.80 16.55 27.94
CA GLY A 929 -5.54 15.26 28.56
C GLY A 929 -4.09 15.04 28.92
N TYR A 930 -3.17 15.79 28.31
CA TYR A 930 -1.78 15.75 28.70
C TYR A 930 -1.44 16.76 29.79
N GLY A 931 -2.11 17.91 29.81
CA GLY A 931 -1.91 18.87 30.86
C GLY A 931 -2.42 18.39 32.21
N VAL A 932 -3.63 17.85 32.23
CA VAL A 932 -4.20 17.38 33.49
C VAL A 932 -3.46 16.16 34.04
N ALA A 933 -2.99 15.27 33.16
CA ALA A 933 -2.24 14.09 33.58
C ALA A 933 -0.81 14.42 33.97
N GLN A 934 -0.35 15.64 33.73
CA GLN A 934 0.91 16.11 34.26
C GLN A 934 0.75 16.95 35.52
N PHE A 935 -0.38 17.63 35.69
CA PHE A 935 -0.67 18.26 36.96
C PHE A 935 -0.96 17.23 38.05
N CYS A 936 -1.71 16.19 37.73
CA CYS A 936 -2.01 15.15 38.70
C CYS A 936 -0.80 14.31 39.07
N LEU A 937 0.30 14.40 38.31
CA LEU A 937 1.53 13.72 38.69
C LEU A 937 2.26 14.49 39.78
N TYR A 938 2.46 15.78 39.57
CA TYR A 938 3.13 16.61 40.58
C TYR A 938 2.24 16.87 41.79
N ALA A 939 0.93 16.72 41.66
CA ALA A 939 0.07 16.77 42.84
C ALA A 939 0.22 15.54 43.73
N SER A 940 0.82 14.46 43.22
CA SER A 940 1.07 13.25 43.99
C SER A 940 2.45 13.25 44.64
N TYR A 941 3.32 14.20 44.28
CA TYR A 941 4.57 14.42 44.99
C TYR A 941 4.41 15.38 46.15
N ALA A 942 3.24 16.01 46.29
CA ALA A 942 2.94 16.88 47.41
C ALA A 942 2.08 16.17 48.45
N LEU A 943 1.83 14.88 48.24
CA LEU A 943 1.10 14.06 49.20
C LEU A 943 1.96 13.03 49.89
N GLY A 944 3.02 12.54 49.27
CA GLY A 944 3.97 11.67 49.94
C GLY A 944 4.95 12.45 50.77
N LEU A 945 5.47 13.55 50.21
CA LEU A 945 6.42 14.38 50.93
C LEU A 945 5.79 15.17 52.06
N TRP A 946 4.47 15.34 52.06
CA TRP A 946 3.82 15.94 53.22
C TRP A 946 3.48 14.89 54.27
N TYR A 947 3.01 13.72 53.82
CA TYR A 947 2.67 12.66 54.76
C TYR A 947 3.89 12.14 55.49
N ALA A 948 5.07 12.14 54.84
CA ALA A 948 6.29 11.78 55.55
C ALA A 948 6.56 12.74 56.70
N SER A 949 6.45 14.04 56.45
CA SER A 949 6.64 15.05 57.47
C SER A 949 5.59 15.00 58.55
N TRP A 950 4.37 14.56 58.23
CA TRP A 950 3.34 14.33 59.23
C TRP A 950 3.64 13.12 60.10
N LEU A 951 4.14 12.04 59.51
CA LEU A 951 4.56 10.88 60.30
C LEU A 951 5.73 11.21 61.21
N VAL A 952 6.68 12.02 60.74
CA VAL A 952 7.87 12.30 61.54
C VAL A 952 7.52 13.04 62.83
N LYS A 953 6.57 13.98 62.79
CA LYS A 953 6.22 14.71 64.01
C LYS A 953 5.67 13.81 65.10
N HIS A 954 4.81 12.86 64.74
CA HIS A 954 4.07 12.07 65.72
C HIS A 954 4.83 10.83 66.15
N GLY A 955 6.15 10.86 65.99
CA GLY A 955 7.01 9.80 66.52
C GLY A 955 6.73 8.43 65.97
N ILE A 956 6.39 8.31 64.69
CA ILE A 956 6.16 7.00 64.09
C ILE A 956 7.39 6.58 63.31
N SER A 957 7.85 7.46 62.41
CA SER A 957 9.06 7.20 61.64
C SER A 957 9.95 8.43 61.64
N ASP A 958 11.01 8.40 60.84
CA ASP A 958 11.95 9.51 60.78
C ASP A 958 12.37 9.71 59.33
N PHE A 959 13.40 10.53 59.11
CA PHE A 959 13.87 10.82 57.76
C PHE A 959 14.53 9.62 57.10
N SER A 960 15.20 8.78 57.87
CA SER A 960 15.95 7.65 57.30
C SER A 960 15.01 6.68 56.59
N LYS A 961 13.88 6.37 57.21
CA LYS A 961 12.99 5.33 56.69
C LYS A 961 11.90 5.87 55.77
N THR A 962 11.54 7.15 55.89
CA THR A 962 10.46 7.73 55.09
C THR A 962 10.96 8.35 53.79
N ILE A 963 12.27 8.35 53.54
CA ILE A 963 12.80 8.80 52.27
C ILE A 963 13.23 7.66 51.36
N ARG A 964 13.50 6.47 51.91
CA ARG A 964 13.70 5.31 51.07
C ARG A 964 12.38 4.79 50.51
N VAL A 965 11.33 4.79 51.33
CA VAL A 965 10.01 4.34 50.89
C VAL A 965 9.50 5.21 49.74
N PHE A 966 9.66 6.53 49.85
CA PHE A 966 9.21 7.42 48.77
C PHE A 966 10.03 7.22 47.51
N MET A 967 11.36 7.24 47.62
CA MET A 967 12.20 7.20 46.44
C MET A 967 12.11 5.86 45.72
N VAL A 968 12.10 4.75 46.45
CA VAL A 968 11.99 3.44 45.81
C VAL A 968 10.70 3.35 45.02
N LEU A 969 9.58 3.67 45.66
CA LEU A 969 8.26 3.54 45.05
C LEU A 969 7.98 4.57 43.97
N MET A 970 8.73 5.68 43.94
CA MET A 970 8.54 6.67 42.90
C MET A 970 9.55 6.58 41.77
N VAL A 971 10.67 5.88 41.95
CA VAL A 971 11.58 5.65 40.84
C VAL A 971 11.28 4.31 40.17
N SER A 972 10.71 3.35 40.90
CA SER A 972 10.23 2.15 40.24
C SER A 972 8.82 2.39 39.71
N ALA A 973 8.63 3.56 39.09
CA ALA A 973 7.51 3.83 38.20
C ALA A 973 7.95 4.53 36.94
N ASN A 974 9.08 5.24 36.97
CA ASN A 974 9.82 5.65 35.79
C ASN A 974 10.67 4.51 35.24
N GLY A 975 11.11 3.59 36.10
CA GLY A 975 11.78 2.40 35.64
C GLY A 975 10.79 1.32 35.25
N ALA A 976 9.52 1.55 35.56
CA ALA A 976 8.44 0.64 35.20
C ALA A 976 7.69 1.09 33.97
N ALA A 977 8.21 2.07 33.23
CA ALA A 977 7.54 2.57 32.04
C ALA A 977 8.12 1.93 30.78
N GLU A 978 8.56 0.68 30.89
CA GLU A 978 8.99 -0.10 29.73
C GLU A 978 7.82 -0.74 29.02
N THR A 979 6.60 -0.62 29.56
CA THR A 979 5.42 -1.01 28.81
C THR A 979 5.28 -0.21 27.52
N LEU A 980 5.91 0.96 27.45
CA LEU A 980 6.04 1.65 26.18
C LEU A 980 6.93 0.86 25.22
N THR A 981 8.02 0.29 25.75
CA THR A 981 8.98 -0.45 24.93
C THR A 981 8.73 -1.94 25.03
N LEU A 982 7.72 -2.40 24.29
CA LEU A 982 7.46 -3.83 24.14
C LEU A 982 7.12 -4.17 22.69
N ALA A 983 7.77 -3.52 21.74
CA ALA A 983 7.28 -3.46 20.37
C ALA A 983 5.84 -2.97 20.45
N PRO A 984 5.63 -1.69 20.74
CA PRO A 984 4.32 -1.23 21.22
C PRO A 984 3.22 -1.33 20.19
N ASP A 985 2.84 -2.56 19.84
CA ASP A 985 1.66 -2.77 19.02
C ASP A 985 0.45 -3.02 19.92
N PHE A 986 0.44 -4.16 20.61
CA PHE A 986 -0.37 -4.37 21.81
C PHE A 986 -1.89 -4.33 21.57
N ILE A 987 -2.35 -3.95 20.37
CA ILE A 987 -3.79 -3.79 20.19
C ILE A 987 -4.31 -4.46 18.93
N LYS A 988 -3.43 -4.79 17.98
CA LYS A 988 -3.91 -5.44 16.77
C LYS A 988 -4.42 -6.84 17.07
N GLY A 989 -3.81 -7.54 18.04
CA GLY A 989 -4.44 -8.65 18.75
C GLY A 989 -5.39 -9.54 17.99
N GLY A 990 -6.60 -9.67 18.51
CA GLY A 990 -7.61 -10.53 17.90
C GLY A 990 -8.22 -9.96 16.63
N GLN A 991 -8.02 -8.65 16.40
CA GLN A 991 -8.42 -8.06 15.13
C GLN A 991 -7.63 -8.66 13.97
N ALA A 992 -6.33 -8.86 14.17
CA ALA A 992 -5.50 -9.49 13.16
C ALA A 992 -5.52 -11.01 13.30
N MET A 993 -5.76 -11.52 14.51
CA MET A 993 -5.75 -12.96 14.74
C MET A 993 -7.00 -13.66 14.22
N ARG A 994 -8.11 -12.96 13.98
CA ARG A 994 -9.27 -13.65 13.43
C ARG A 994 -9.06 -14.06 11.99
N SER A 995 -8.35 -13.23 11.21
CA SER A 995 -8.12 -13.54 9.81
C SER A 995 -7.24 -14.78 9.64
N VAL A 996 -6.27 -14.97 10.52
CA VAL A 996 -5.40 -16.15 10.44
C VAL A 996 -6.20 -17.42 10.68
N PHE A 997 -7.02 -17.43 11.74
CA PHE A 997 -7.75 -18.64 12.08
C PHE A 997 -9.00 -18.85 11.25
N GLU A 998 -9.49 -17.82 10.54
CA GLU A 998 -10.56 -18.05 9.59
C GLU A 998 -10.05 -18.67 8.30
N LEU A 999 -8.80 -18.39 7.94
CA LEU A 999 -8.21 -19.01 6.76
C LEU A 999 -7.85 -20.47 7.02
N LEU A 1000 -7.31 -20.76 8.20
CA LEU A 1000 -7.04 -22.16 8.56
C LEU A 1000 -8.32 -22.95 8.66
N ASP A 1001 -9.35 -22.38 9.26
CA ASP A 1001 -10.64 -23.06 9.44
C ASP A 1001 -11.60 -22.72 8.31
N ARG A 1002 -11.17 -23.01 7.08
CA ARG A 1002 -12.01 -22.84 5.91
C ARG A 1002 -12.06 -24.17 5.17
N LYS A 1003 -13.26 -24.68 4.95
CA LYS A 1003 -13.43 -26.00 4.34
C LYS A 1003 -13.34 -25.91 2.83
N THR A 1004 -12.94 -27.02 2.22
CA THR A 1004 -12.88 -27.16 0.77
C THR A 1004 -13.84 -28.26 0.33
N GLU A 1005 -14.69 -27.95 -0.64
CA GLU A 1005 -15.68 -28.91 -1.13
C GLU A 1005 -15.14 -29.84 -2.21
N ILE A 1006 -13.92 -29.60 -2.68
CA ILE A 1006 -13.22 -30.52 -3.57
C ILE A 1006 -11.97 -30.98 -2.83
N GLU A 1007 -11.89 -32.27 -2.54
CA GLU A 1007 -10.74 -32.80 -1.81
C GLU A 1007 -9.55 -32.93 -2.76
N PRO A 1008 -8.43 -32.27 -2.48
CA PRO A 1008 -7.23 -32.49 -3.31
C PRO A 1008 -6.68 -33.90 -3.18
N ASP A 1009 -6.54 -34.39 -1.94
CA ASP A 1009 -6.10 -35.75 -1.69
C ASP A 1009 -7.13 -36.40 -0.76
N ASP A 1010 -8.01 -37.22 -1.34
CA ASP A 1010 -9.11 -37.81 -0.58
C ASP A 1010 -8.74 -39.23 -0.17
N PRO A 1011 -8.62 -39.52 1.12
CA PRO A 1011 -8.40 -40.89 1.57
C PRO A 1011 -9.67 -41.72 1.41
N ASP A 1012 -9.48 -43.04 1.48
CA ASP A 1012 -10.57 -44.00 1.29
C ASP A 1012 -11.25 -43.79 -0.07
N THR A 1013 -10.46 -44.01 -1.12
CA THR A 1013 -10.88 -43.76 -2.49
C THR A 1013 -10.62 -45.00 -3.34
N THR A 1014 -11.35 -45.10 -4.44
CA THR A 1014 -11.17 -46.23 -5.35
C THR A 1014 -9.76 -46.19 -5.93
N PRO A 1015 -9.17 -47.36 -6.21
CA PRO A 1015 -7.75 -47.38 -6.59
C PRO A 1015 -7.50 -46.99 -8.05
N VAL A 1016 -6.34 -46.38 -8.26
CA VAL A 1016 -5.95 -45.86 -9.56
C VAL A 1016 -5.15 -46.92 -10.29
N PRO A 1017 -5.54 -47.32 -11.50
CA PRO A 1017 -4.82 -48.40 -12.20
C PRO A 1017 -3.49 -47.95 -12.79
N ASP A 1018 -2.88 -48.85 -13.55
CA ASP A 1018 -1.64 -48.56 -14.27
C ASP A 1018 -2.00 -47.79 -15.54
N ARG A 1019 -1.07 -47.71 -16.50
CA ARG A 1019 -1.33 -47.03 -17.77
C ARG A 1019 -2.66 -47.47 -18.35
N LEU A 1020 -3.59 -46.53 -18.47
CA LEU A 1020 -4.98 -46.82 -18.77
C LEU A 1020 -5.27 -46.60 -20.25
N ARG A 1021 -6.48 -46.99 -20.67
CA ARG A 1021 -6.87 -46.84 -22.06
C ARG A 1021 -6.95 -45.38 -22.46
N GLY A 1022 -7.46 -44.52 -21.57
CA GLY A 1022 -7.55 -43.11 -21.86
C GLY A 1022 -8.64 -42.76 -22.85
N GLU A 1023 -9.89 -43.00 -22.47
CA GLU A 1023 -11.06 -42.73 -23.32
C GLU A 1023 -11.98 -41.77 -22.57
N VAL A 1024 -11.85 -40.47 -22.88
CA VAL A 1024 -12.66 -39.47 -22.23
C VAL A 1024 -14.07 -39.46 -22.82
N GLU A 1025 -15.08 -39.51 -21.96
CA GLU A 1025 -16.47 -39.48 -22.39
C GLU A 1025 -17.25 -38.52 -21.51
N LEU A 1026 -18.15 -37.75 -22.13
CA LEU A 1026 -19.02 -36.82 -21.44
C LEU A 1026 -20.48 -37.20 -21.71
N LYS A 1027 -21.34 -36.97 -20.71
CA LYS A 1027 -22.73 -37.40 -20.78
C LYS A 1027 -23.62 -36.29 -20.26
N HIS A 1028 -24.30 -35.59 -21.18
CA HIS A 1028 -25.36 -34.63 -20.85
C HIS A 1028 -24.88 -33.57 -19.84
N ILE A 1029 -23.91 -32.80 -20.31
CA ILE A 1029 -23.21 -31.84 -19.45
C ILE A 1029 -23.94 -30.50 -19.46
N ASP A 1030 -24.31 -30.02 -18.28
CA ASP A 1030 -24.81 -28.68 -18.07
C ASP A 1030 -23.86 -27.96 -17.13
N PHE A 1031 -23.41 -26.77 -17.51
CA PHE A 1031 -22.34 -26.12 -16.76
C PHE A 1031 -22.45 -24.60 -16.91
N SER A 1032 -22.03 -23.90 -15.85
CA SER A 1032 -21.91 -22.45 -15.86
C SER A 1032 -20.91 -22.06 -14.78
N TYR A 1033 -20.39 -20.84 -14.89
CA TYR A 1033 -19.47 -20.34 -13.89
C TYR A 1033 -20.17 -20.18 -12.54
N PRO A 1034 -19.54 -20.60 -11.44
CA PRO A 1034 -20.11 -20.36 -10.11
C PRO A 1034 -20.30 -18.89 -9.78
N SER A 1035 -19.44 -18.01 -10.31
CA SER A 1035 -19.60 -16.58 -10.07
C SER A 1035 -20.89 -16.06 -10.70
N ARG A 1036 -21.22 -16.56 -11.90
CA ARG A 1036 -22.43 -16.15 -12.62
C ARG A 1036 -23.22 -17.40 -12.98
N PRO A 1037 -24.00 -17.94 -12.04
CA PRO A 1037 -24.78 -19.15 -12.33
C PRO A 1037 -26.06 -18.90 -13.12
N ASP A 1038 -26.21 -17.71 -13.73
CA ASP A 1038 -27.43 -17.40 -14.46
C ASP A 1038 -27.36 -17.89 -15.90
N ILE A 1039 -26.24 -17.63 -16.57
CA ILE A 1039 -26.08 -18.00 -17.99
C ILE A 1039 -25.58 -19.43 -18.09
N GLN A 1040 -26.46 -20.36 -18.47
CA GLN A 1040 -26.09 -21.75 -18.67
C GLN A 1040 -25.40 -21.88 -20.02
N ILE A 1041 -24.08 -22.03 -20.01
CA ILE A 1041 -23.34 -22.16 -21.27
C ILE A 1041 -23.55 -23.54 -21.86
N PHE A 1042 -23.29 -24.58 -21.08
CA PHE A 1042 -23.49 -25.96 -21.54
C PHE A 1042 -24.92 -26.39 -21.26
N ARG A 1043 -25.58 -26.94 -22.28
CA ARG A 1043 -26.97 -27.37 -22.20
C ARG A 1043 -27.07 -28.76 -22.81
N ASP A 1044 -27.01 -29.79 -21.97
CA ASP A 1044 -27.05 -31.19 -22.40
C ASP A 1044 -25.94 -31.47 -23.41
N LEU A 1045 -24.71 -31.16 -23.01
CA LEU A 1045 -23.55 -31.36 -23.86
C LEU A 1045 -23.16 -32.84 -23.84
N SER A 1046 -23.30 -33.50 -24.99
CA SER A 1046 -22.96 -34.92 -25.13
C SER A 1046 -21.81 -35.04 -26.11
N LEU A 1047 -20.66 -35.47 -25.62
CA LEU A 1047 -19.47 -35.60 -26.47
C LEU A 1047 -18.61 -36.73 -25.91
N ARG A 1048 -17.92 -37.44 -26.81
CA ARG A 1048 -17.09 -38.57 -26.43
C ARG A 1048 -15.77 -38.49 -27.18
N ALA A 1049 -14.66 -38.49 -26.45
CA ALA A 1049 -13.34 -38.55 -27.05
C ALA A 1049 -13.02 -39.99 -27.39
N ARG A 1050 -12.64 -40.23 -28.64
CA ARG A 1050 -12.39 -41.59 -29.09
C ARG A 1050 -11.14 -42.16 -28.42
N ALA A 1051 -10.84 -43.42 -28.77
CA ALA A 1051 -9.77 -44.17 -28.10
C ALA A 1051 -8.41 -43.63 -28.52
N GLY A 1052 -8.11 -42.42 -28.05
CA GLY A 1052 -6.80 -41.83 -28.21
C GLY A 1052 -6.49 -41.24 -29.56
N LYS A 1053 -7.47 -41.12 -30.46
CA LYS A 1053 -7.15 -40.67 -31.80
C LYS A 1053 -7.07 -39.14 -31.91
N THR A 1054 -8.20 -38.46 -31.77
CA THR A 1054 -8.28 -37.01 -31.85
C THR A 1054 -9.70 -36.54 -31.55
N LEU A 1055 -9.86 -35.44 -30.81
CA LEU A 1055 -11.17 -34.86 -30.54
C LEU A 1055 -11.11 -33.33 -30.70
N ALA A 1056 -10.59 -32.88 -31.84
CA ALA A 1056 -10.49 -31.45 -32.13
C ALA A 1056 -11.83 -30.75 -31.99
N LEU A 1057 -11.91 -29.79 -31.05
CA LEU A 1057 -13.10 -28.99 -30.83
C LEU A 1057 -12.88 -27.59 -31.39
N VAL A 1058 -13.79 -27.16 -32.27
CA VAL A 1058 -13.71 -25.85 -32.89
C VAL A 1058 -15.09 -25.20 -32.87
N GLY A 1059 -15.13 -23.93 -33.27
CA GLY A 1059 -16.36 -23.17 -33.31
C GLY A 1059 -16.12 -21.69 -33.13
N PRO A 1060 -16.93 -20.88 -33.80
CA PRO A 1060 -16.80 -19.42 -33.65
C PRO A 1060 -17.44 -18.94 -32.35
N SER A 1061 -17.15 -17.68 -32.01
CA SER A 1061 -17.69 -17.02 -30.83
C SER A 1061 -17.34 -17.81 -29.56
N GLY A 1062 -16.04 -17.82 -29.27
CA GLY A 1062 -15.52 -18.59 -28.15
C GLY A 1062 -15.78 -17.97 -26.81
N CYS A 1063 -14.80 -18.00 -25.92
CA CYS A 1063 -14.95 -17.56 -24.53
C CYS A 1063 -16.06 -18.35 -23.84
N GLY A 1064 -15.78 -19.63 -23.68
CA GLY A 1064 -16.76 -20.59 -23.18
C GLY A 1064 -16.57 -21.95 -23.84
N LYS A 1065 -15.87 -21.97 -24.97
CA LYS A 1065 -15.47 -23.24 -25.57
C LYS A 1065 -14.43 -23.94 -24.71
N SER A 1066 -13.58 -23.18 -24.03
CA SER A 1066 -12.50 -23.73 -23.23
C SER A 1066 -12.97 -24.41 -21.96
N SER A 1067 -14.26 -24.30 -21.62
CA SER A 1067 -14.77 -24.89 -20.39
C SER A 1067 -14.59 -26.40 -20.34
N VAL A 1068 -14.47 -27.06 -21.49
CA VAL A 1068 -14.20 -28.51 -21.48
C VAL A 1068 -12.85 -28.79 -20.85
N ILE A 1069 -11.87 -27.90 -21.08
CA ILE A 1069 -10.56 -28.06 -20.45
C ILE A 1069 -10.67 -27.96 -18.94
N SER A 1070 -11.43 -26.97 -18.46
CA SER A 1070 -11.61 -26.80 -17.02
C SER A 1070 -12.36 -27.98 -16.40
N LEU A 1071 -13.37 -28.51 -17.09
CA LEU A 1071 -14.15 -29.60 -16.54
C LEU A 1071 -13.34 -30.88 -16.37
N ILE A 1072 -12.46 -31.20 -17.32
CA ILE A 1072 -11.71 -32.45 -17.24
C ILE A 1072 -10.73 -32.44 -16.07
N GLN A 1073 -10.02 -31.33 -15.85
CA GLN A 1073 -9.12 -31.23 -14.70
C GLN A 1073 -9.88 -30.97 -13.40
N ARG A 1074 -11.20 -30.89 -13.45
CA ARG A 1074 -12.05 -30.74 -12.26
C ARG A 1074 -11.74 -29.43 -11.52
N PHE A 1075 -11.49 -28.37 -12.29
CA PHE A 1075 -11.42 -27.04 -11.71
C PHE A 1075 -12.78 -26.62 -11.19
N TYR A 1076 -13.82 -26.75 -12.01
CA TYR A 1076 -15.17 -26.40 -11.66
C TYR A 1076 -16.05 -27.64 -11.64
N GLU A 1077 -17.14 -27.58 -10.87
CA GLU A 1077 -18.03 -28.71 -10.76
C GLU A 1077 -19.22 -28.53 -11.69
N PRO A 1078 -19.52 -29.52 -12.54
CA PRO A 1078 -20.66 -29.40 -13.45
C PRO A 1078 -21.97 -29.37 -12.70
N SER A 1079 -22.92 -28.62 -13.26
CA SER A 1079 -24.24 -28.52 -12.67
C SER A 1079 -24.97 -29.86 -12.72
N SER A 1080 -24.89 -30.55 -13.86
CA SER A 1080 -25.51 -31.86 -14.02
C SER A 1080 -24.88 -32.55 -15.21
N GLY A 1081 -24.37 -33.74 -15.01
CA GLY A 1081 -23.75 -34.49 -16.08
C GLY A 1081 -22.82 -35.55 -15.53
N ARG A 1082 -22.14 -36.21 -16.46
CA ARG A 1082 -21.21 -37.28 -16.13
C ARG A 1082 -19.93 -37.11 -16.94
N VAL A 1083 -18.79 -37.45 -16.32
CA VAL A 1083 -17.49 -37.42 -16.97
C VAL A 1083 -16.89 -38.80 -16.83
N MET A 1084 -16.84 -39.54 -17.94
CA MET A 1084 -16.33 -40.91 -17.96
C MET A 1084 -14.90 -40.91 -18.48
N ILE A 1085 -13.98 -41.39 -17.66
CA ILE A 1085 -12.62 -41.72 -18.11
C ILE A 1085 -12.52 -43.24 -18.13
N ASP A 1086 -12.34 -43.79 -19.34
CA ASP A 1086 -12.40 -45.23 -19.57
C ASP A 1086 -13.67 -45.83 -18.97
N GLY A 1087 -14.79 -45.13 -19.14
CA GLY A 1087 -16.05 -45.59 -18.59
C GLY A 1087 -16.13 -45.58 -17.08
N LYS A 1088 -15.61 -44.53 -16.43
CA LYS A 1088 -15.69 -44.43 -14.98
C LYS A 1088 -15.75 -42.96 -14.59
N ASP A 1089 -16.57 -42.67 -13.58
CA ASP A 1089 -16.69 -41.31 -13.07
C ASP A 1089 -15.38 -40.86 -12.42
N ILE A 1090 -15.08 -39.57 -12.56
CA ILE A 1090 -13.85 -39.02 -12.01
C ILE A 1090 -13.98 -38.65 -10.54
N ARG A 1091 -15.19 -38.61 -10.00
CA ARG A 1091 -15.37 -38.36 -8.58
C ARG A 1091 -15.00 -39.56 -7.72
N LYS A 1092 -14.98 -40.77 -8.30
CA LYS A 1092 -14.53 -41.95 -7.59
C LYS A 1092 -13.02 -42.05 -7.51
N TYR A 1093 -12.31 -41.21 -8.25
CA TYR A 1093 -10.85 -41.17 -8.23
C TYR A 1093 -10.38 -40.05 -7.32
N ASN A 1094 -9.22 -40.26 -6.69
CA ASN A 1094 -8.60 -39.17 -5.94
C ASN A 1094 -8.02 -38.16 -6.92
N LEU A 1095 -7.95 -36.90 -6.49
CA LEU A 1095 -7.66 -35.84 -7.44
C LEU A 1095 -6.18 -35.78 -7.80
N LYS A 1096 -5.30 -36.22 -6.92
CA LYS A 1096 -3.86 -36.06 -7.14
C LYS A 1096 -3.23 -37.22 -7.91
N ALA A 1097 -4.00 -38.24 -8.29
CA ALA A 1097 -3.48 -39.32 -9.12
C ALA A 1097 -4.06 -39.34 -10.52
N ILE A 1098 -5.30 -38.89 -10.70
CA ILE A 1098 -5.86 -38.76 -12.04
C ILE A 1098 -5.16 -37.65 -12.82
N ARG A 1099 -4.48 -36.74 -12.13
CA ARG A 1099 -3.71 -35.69 -12.78
C ARG A 1099 -2.34 -36.15 -13.24
N LYS A 1100 -1.95 -37.38 -12.91
CA LYS A 1100 -0.74 -38.02 -13.44
C LYS A 1100 -0.92 -38.55 -14.85
N HIS A 1101 -2.01 -38.17 -15.54
CA HIS A 1101 -2.24 -38.65 -16.90
C HIS A 1101 -2.77 -37.56 -17.81
N ILE A 1102 -2.84 -36.31 -17.36
CA ILE A 1102 -3.30 -35.18 -18.16
C ILE A 1102 -2.13 -34.24 -18.40
N ALA A 1103 -1.94 -33.86 -19.66
CA ALA A 1103 -0.88 -32.93 -20.05
C ALA A 1103 -1.54 -31.65 -20.53
N ILE A 1104 -1.36 -30.57 -19.76
CA ILE A 1104 -2.01 -29.31 -20.07
C ILE A 1104 -1.02 -28.36 -20.74
N VAL A 1105 -1.48 -27.69 -21.80
CA VAL A 1105 -0.72 -26.65 -22.47
C VAL A 1105 -1.52 -25.35 -22.39
N PRO A 1106 -1.21 -24.43 -21.48
CA PRO A 1106 -1.99 -23.20 -21.39
C PRO A 1106 -1.76 -22.29 -22.59
N GLN A 1107 -2.78 -21.49 -22.89
CA GLN A 1107 -2.69 -20.56 -24.01
C GLN A 1107 -1.64 -19.49 -23.77
N GLU A 1108 -1.61 -18.94 -22.55
CA GLU A 1108 -0.69 -17.84 -22.27
C GLU A 1108 0.64 -18.42 -21.78
N PRO A 1109 1.75 -18.09 -22.46
CA PRO A 1109 3.06 -18.59 -22.03
C PRO A 1109 3.31 -18.35 -20.54
N CYS A 1110 3.40 -19.45 -19.78
CA CYS A 1110 3.56 -19.37 -18.33
C CYS A 1110 4.81 -20.14 -17.93
N LEU A 1111 5.92 -19.43 -17.79
CA LEU A 1111 7.15 -20.00 -17.26
C LEU A 1111 7.53 -19.28 -15.98
N PHE A 1112 7.91 -20.05 -14.97
CA PHE A 1112 8.20 -19.49 -13.66
C PHE A 1112 9.56 -18.79 -13.67
N GLY A 1113 9.76 -17.94 -12.66
CA GLY A 1113 10.97 -17.14 -12.59
C GLY A 1113 12.19 -17.94 -12.16
N THR A 1114 12.57 -18.89 -12.99
CA THR A 1114 13.75 -19.71 -12.75
C THR A 1114 14.29 -20.11 -14.12
N THR A 1115 15.56 -20.50 -14.17
CA THR A 1115 16.25 -20.77 -15.42
C THR A 1115 15.53 -21.84 -16.24
N ILE A 1116 15.97 -21.98 -17.50
CA ILE A 1116 15.32 -22.89 -18.44
C ILE A 1116 15.29 -24.32 -17.91
N TYR A 1117 16.36 -24.74 -17.22
CA TYR A 1117 16.47 -26.12 -16.76
C TYR A 1117 15.35 -26.52 -15.81
N GLU A 1118 14.99 -25.65 -14.85
CA GLU A 1118 14.00 -26.01 -13.84
C GLU A 1118 12.59 -25.61 -14.24
N ASN A 1119 12.41 -24.99 -15.40
CA ASN A 1119 11.06 -24.80 -15.96
C ASN A 1119 10.58 -26.01 -16.73
N ILE A 1120 11.46 -26.65 -17.51
CA ILE A 1120 11.11 -27.89 -18.18
C ILE A 1120 10.94 -29.02 -17.19
N ALA A 1121 11.76 -29.06 -16.15
CA ALA A 1121 11.71 -30.12 -15.15
C ALA A 1121 10.47 -30.05 -14.27
N TYR A 1122 9.67 -28.99 -14.38
CA TYR A 1122 8.44 -28.85 -13.61
C TYR A 1122 7.29 -29.64 -14.24
N GLY A 1123 7.53 -30.91 -14.55
CA GLY A 1123 6.49 -31.76 -15.10
C GLY A 1123 6.65 -33.22 -14.71
N HIS A 1124 7.60 -33.51 -13.83
CA HIS A 1124 7.92 -34.90 -13.50
C HIS A 1124 8.57 -34.92 -12.12
N GLU A 1125 9.06 -36.09 -11.72
CA GLU A 1125 9.70 -36.28 -10.43
C GLU A 1125 11.20 -36.52 -10.59
N CYS A 1126 11.59 -37.53 -11.36
CA CYS A 1126 13.00 -37.86 -11.59
C CYS A 1126 13.26 -37.74 -13.09
N ALA A 1127 13.63 -36.53 -13.52
CA ALA A 1127 13.89 -36.25 -14.92
C ALA A 1127 15.39 -36.31 -15.17
N THR A 1128 15.82 -37.31 -15.92
CA THR A 1128 17.24 -37.44 -16.26
C THR A 1128 17.62 -36.41 -17.33
N GLU A 1129 18.92 -36.26 -17.54
CA GLU A 1129 19.41 -35.36 -18.58
C GLU A 1129 18.92 -35.78 -19.96
N ALA A 1130 18.98 -37.08 -20.25
CA ALA A 1130 18.53 -37.59 -21.54
C ALA A 1130 17.05 -37.36 -21.78
N GLU A 1131 16.21 -37.53 -20.75
CA GLU A 1131 14.78 -37.30 -20.91
C GLU A 1131 14.48 -35.85 -21.25
N ILE A 1132 15.12 -34.91 -20.57
CA ILE A 1132 14.88 -33.50 -20.84
C ILE A 1132 15.44 -33.11 -22.20
N ILE A 1133 16.59 -33.68 -22.59
CA ILE A 1133 17.13 -33.42 -23.93
C ILE A 1133 16.18 -33.95 -24.99
N GLN A 1134 15.59 -35.13 -24.77
CA GLN A 1134 14.60 -35.66 -25.70
C GLN A 1134 13.38 -34.76 -25.79
N ALA A 1135 12.89 -34.27 -24.65
CA ALA A 1135 11.74 -33.37 -24.64
C ALA A 1135 12.05 -32.09 -25.41
N ALA A 1136 13.24 -31.54 -25.24
CA ALA A 1136 13.65 -30.36 -26.00
C ALA A 1136 13.78 -30.64 -27.50
N THR A 1137 14.35 -31.79 -27.87
CA THR A 1137 14.53 -32.11 -29.29
C THR A 1137 13.19 -32.30 -29.99
N LEU A 1138 12.27 -33.03 -29.37
CA LEU A 1138 11.00 -33.32 -30.02
C LEU A 1138 10.19 -32.04 -30.26
N ALA A 1139 10.25 -31.10 -29.32
CA ALA A 1139 9.55 -29.84 -29.46
C ALA A 1139 10.33 -28.81 -30.26
N SER A 1140 11.44 -29.22 -30.89
CA SER A 1140 12.29 -28.33 -31.68
C SER A 1140 12.85 -27.19 -30.84
N ALA A 1141 13.03 -27.42 -29.54
CA ALA A 1141 13.59 -26.43 -28.64
C ALA A 1141 15.08 -26.63 -28.35
N HIS A 1142 15.63 -27.81 -28.69
CA HIS A 1142 17.03 -28.09 -28.41
C HIS A 1142 17.97 -27.16 -29.17
N LYS A 1143 17.69 -26.87 -30.44
CA LYS A 1143 18.58 -26.04 -31.24
C LYS A 1143 18.70 -24.63 -30.66
N PHE A 1144 17.56 -23.98 -30.40
CA PHE A 1144 17.58 -22.63 -29.86
C PHE A 1144 18.24 -22.59 -28.49
N ILE A 1145 17.84 -23.49 -27.58
CA ILE A 1145 18.37 -23.47 -26.23
C ILE A 1145 19.87 -23.74 -26.23
N SER A 1146 20.33 -24.69 -27.04
CA SER A 1146 21.77 -24.93 -27.16
C SER A 1146 22.50 -23.78 -27.83
N ALA A 1147 21.78 -22.97 -28.62
CA ALA A 1147 22.37 -21.79 -29.24
C ALA A 1147 22.47 -20.60 -28.30
N LEU A 1148 21.83 -20.67 -27.14
CA LEU A 1148 21.92 -19.60 -26.17
C LEU A 1148 23.31 -19.57 -25.53
N PRO A 1149 23.74 -18.41 -25.03
CA PRO A 1149 25.09 -18.33 -24.43
C PRO A 1149 25.30 -19.29 -23.27
N GLU A 1150 24.46 -19.21 -22.24
CA GLU A 1150 24.65 -20.08 -21.08
C GLU A 1150 24.21 -21.50 -21.37
N GLY A 1151 23.11 -21.68 -22.11
CA GLY A 1151 22.59 -23.00 -22.43
C GLY A 1151 21.31 -23.28 -21.65
N TYR A 1152 21.22 -24.50 -21.11
CA TYR A 1152 20.08 -24.86 -20.29
C TYR A 1152 20.03 -24.05 -18.98
N LYS A 1153 21.15 -23.46 -18.58
CA LYS A 1153 21.22 -22.68 -17.35
C LYS A 1153 20.82 -21.22 -17.55
N THR A 1154 20.35 -20.86 -18.74
CA THR A 1154 20.00 -19.48 -19.02
C THR A 1154 18.81 -19.04 -18.16
N TYR A 1155 18.95 -17.90 -17.52
CA TYR A 1155 17.93 -17.41 -16.60
C TYR A 1155 16.85 -16.66 -17.38
N VAL A 1156 15.59 -16.95 -17.06
CA VAL A 1156 14.44 -16.37 -17.71
C VAL A 1156 13.49 -15.84 -16.64
N GLY A 1157 12.88 -14.69 -16.91
CA GLY A 1157 11.92 -14.09 -16.01
C GLY A 1157 11.98 -12.57 -16.05
N GLU A 1158 11.35 -11.96 -15.04
CA GLU A 1158 11.29 -10.50 -14.95
C GLU A 1158 12.68 -9.90 -14.78
N ARG A 1159 13.52 -10.53 -13.96
CA ARG A 1159 14.85 -10.02 -13.65
C ARG A 1159 15.94 -10.64 -14.51
N GLY A 1160 15.58 -11.17 -15.68
CA GLY A 1160 16.56 -11.82 -16.53
C GLY A 1160 16.30 -11.64 -18.02
N VAL A 1161 16.47 -12.72 -18.77
CA VAL A 1161 16.37 -12.67 -20.22
C VAL A 1161 14.90 -12.77 -20.63
N GLN A 1162 14.48 -11.92 -21.56
CA GLN A 1162 13.14 -11.95 -22.14
C GLN A 1162 13.24 -12.48 -23.56
N LEU A 1163 12.45 -13.49 -23.87
CA LEU A 1163 12.50 -14.18 -25.15
C LEU A 1163 11.21 -13.93 -25.95
N SER A 1164 11.13 -14.57 -27.12
CA SER A 1164 10.01 -14.39 -28.02
C SER A 1164 8.89 -15.38 -27.72
N GLY A 1165 7.65 -14.93 -27.94
CA GLY A 1165 6.50 -15.75 -27.63
C GLY A 1165 6.40 -17.03 -28.43
N GLY A 1166 6.82 -17.00 -29.70
CA GLY A 1166 6.86 -18.22 -30.50
C GLY A 1166 7.79 -19.27 -29.93
N GLN A 1167 8.75 -18.86 -29.10
CA GLN A 1167 9.60 -19.80 -28.37
C GLN A 1167 9.08 -20.08 -26.97
N LYS A 1168 8.40 -19.13 -26.34
CA LYS A 1168 7.80 -19.36 -25.03
C LYS A 1168 6.66 -20.36 -25.09
N GLN A 1169 5.93 -20.44 -26.20
CA GLN A 1169 5.02 -21.55 -26.43
C GLN A 1169 5.74 -22.87 -26.65
N ARG A 1170 6.91 -22.83 -27.31
CA ARG A 1170 7.71 -24.02 -27.51
C ARG A 1170 8.15 -24.62 -26.18
N ILE A 1171 8.59 -23.78 -25.25
CA ILE A 1171 9.01 -24.29 -23.94
C ILE A 1171 7.82 -24.89 -23.19
N ALA A 1172 6.64 -24.30 -23.30
CA ALA A 1172 5.46 -24.87 -22.65
C ALA A 1172 5.10 -26.22 -23.25
N ILE A 1173 5.15 -26.36 -24.58
CA ILE A 1173 4.90 -27.64 -25.21
C ILE A 1173 5.95 -28.67 -24.76
N ALA A 1174 7.22 -28.27 -24.72
CA ALA A 1174 8.26 -29.17 -24.26
C ALA A 1174 8.04 -29.61 -22.81
N ARG A 1175 7.60 -28.69 -21.94
CA ARG A 1175 7.22 -29.07 -20.58
C ARG A 1175 6.08 -30.09 -20.59
N ALA A 1176 5.12 -29.90 -21.50
CA ALA A 1176 4.03 -30.86 -21.63
C ALA A 1176 4.50 -32.25 -22.01
N LEU A 1177 5.48 -32.38 -22.90
CA LEU A 1177 5.97 -33.72 -23.21
C LEU A 1177 6.98 -34.26 -22.20
N VAL A 1178 7.00 -33.78 -20.96
CA VAL A 1178 7.83 -34.41 -19.94
C VAL A 1178 6.96 -35.34 -19.10
N ARG A 1179 5.65 -35.11 -19.09
CA ARG A 1179 4.76 -35.96 -18.31
C ARG A 1179 4.53 -37.33 -18.95
N LYS A 1180 4.69 -37.43 -20.27
CA LYS A 1180 4.39 -38.66 -21.01
C LYS A 1180 2.96 -39.12 -20.72
N ALA A 1181 2.03 -38.17 -20.69
CA ALA A 1181 0.64 -38.45 -20.36
C ALA A 1181 -0.07 -39.11 -21.54
N GLU A 1182 -1.23 -39.69 -21.27
CA GLU A 1182 -2.06 -40.29 -22.30
C GLU A 1182 -3.13 -39.33 -22.84
N ILE A 1183 -3.52 -38.33 -22.06
CA ILE A 1183 -4.50 -37.34 -22.48
C ILE A 1183 -3.81 -35.99 -22.52
N MET A 1184 -3.91 -35.30 -23.66
CA MET A 1184 -3.26 -34.01 -23.87
C MET A 1184 -4.32 -32.97 -24.17
N LEU A 1185 -4.30 -31.86 -23.43
CA LEU A 1185 -5.25 -30.77 -23.59
C LEU A 1185 -4.49 -29.58 -24.18
N LEU A 1186 -4.39 -29.54 -25.50
CA LEU A 1186 -3.73 -28.44 -26.19
C LEU A 1186 -4.72 -27.28 -26.33
N ASP A 1187 -4.59 -26.28 -25.48
CA ASP A 1187 -5.44 -25.10 -25.54
C ASP A 1187 -4.95 -24.21 -26.69
N GLU A 1188 -5.78 -23.24 -27.09
CA GLU A 1188 -5.52 -22.45 -28.29
C GLU A 1188 -4.17 -21.75 -28.21
N ALA A 1189 -3.43 -21.76 -29.32
CA ALA A 1189 -2.15 -21.09 -29.45
C ALA A 1189 -2.20 -19.91 -30.41
N THR A 1190 -3.29 -19.14 -30.40
CA THR A 1190 -3.49 -18.06 -31.37
C THR A 1190 -2.67 -16.83 -30.95
N SER A 1191 -2.93 -15.71 -31.61
CA SER A 1191 -2.25 -14.44 -31.34
C SER A 1191 -0.74 -14.54 -31.58
N ALA A 1192 -0.33 -15.44 -32.46
CA ALA A 1192 1.07 -15.59 -32.81
C ALA A 1192 1.17 -16.22 -34.19
N LEU A 1193 2.01 -15.64 -35.04
CA LEU A 1193 2.19 -16.11 -36.41
C LEU A 1193 3.67 -16.22 -36.72
N ASP A 1194 4.12 -17.43 -37.02
CA ASP A 1194 5.47 -17.66 -37.55
C ASP A 1194 5.41 -18.95 -38.36
N ALA A 1195 5.27 -18.81 -39.68
CA ALA A 1195 5.03 -19.98 -40.52
C ALA A 1195 6.17 -20.99 -40.43
N GLU A 1196 7.42 -20.51 -40.41
CA GLU A 1196 8.54 -21.42 -40.24
C GLU A 1196 8.49 -22.13 -38.89
N SER A 1197 8.08 -21.41 -37.84
CA SER A 1197 7.93 -22.04 -36.53
C SER A 1197 6.81 -23.09 -36.54
N GLU A 1198 5.65 -22.75 -37.11
CA GLU A 1198 4.56 -23.72 -37.18
C GLU A 1198 4.90 -24.92 -38.06
N ARG A 1199 5.80 -24.75 -39.03
CA ARG A 1199 6.22 -25.90 -39.85
C ARG A 1199 6.73 -27.04 -38.97
N SER A 1200 7.48 -26.72 -37.91
CA SER A 1200 7.91 -27.72 -36.94
C SER A 1200 6.93 -27.92 -35.79
N VAL A 1201 6.15 -26.90 -35.44
CA VAL A 1201 5.22 -27.01 -34.33
C VAL A 1201 4.12 -28.02 -34.66
N GLN A 1202 3.68 -28.06 -35.91
CA GLN A 1202 2.62 -28.98 -36.31
C GLN A 1202 3.06 -30.43 -36.12
N GLU A 1203 4.29 -30.77 -36.54
CA GLU A 1203 4.77 -32.14 -36.34
C GLU A 1203 5.12 -32.40 -34.87
N ALA A 1204 5.60 -31.38 -34.15
CA ALA A 1204 5.81 -31.56 -32.72
C ALA A 1204 4.49 -31.93 -32.04
N LEU A 1205 3.40 -31.33 -32.47
CA LEU A 1205 2.07 -31.73 -32.00
C LEU A 1205 1.69 -33.11 -32.55
N ASP A 1206 2.15 -33.45 -33.75
CA ASP A 1206 1.77 -34.73 -34.33
C ASP A 1206 2.29 -35.90 -33.49
N GLN A 1207 3.59 -35.92 -33.17
CA GLN A 1207 4.03 -36.89 -32.16
C GLN A 1207 3.59 -36.52 -30.75
N ALA A 1208 3.20 -35.26 -30.50
CA ALA A 1208 2.49 -34.98 -29.25
C ALA A 1208 1.09 -35.59 -29.27
N CYS A 1209 0.57 -35.88 -30.46
CA CYS A 1209 -0.72 -36.55 -30.62
C CYS A 1209 -0.56 -37.97 -31.14
N SER A 1210 0.64 -38.53 -31.06
CA SER A 1210 0.92 -39.86 -31.63
C SER A 1210 0.31 -40.96 -30.77
N GLY A 1211 -0.91 -41.37 -31.10
CA GLY A 1211 -1.59 -42.40 -30.34
C GLY A 1211 -1.93 -42.01 -28.93
N ARG A 1212 -2.25 -40.75 -28.69
CA ARG A 1212 -2.62 -40.25 -27.37
C ARG A 1212 -3.91 -39.44 -27.49
N THR A 1213 -4.74 -39.52 -26.45
CA THR A 1213 -6.04 -38.86 -26.48
C THR A 1213 -5.87 -37.35 -26.42
N SER A 1214 -5.94 -36.69 -27.57
CA SER A 1214 -5.72 -35.26 -27.66
C SER A 1214 -7.03 -34.56 -27.96
N ILE A 1215 -7.45 -33.68 -27.06
CA ILE A 1215 -8.58 -32.78 -27.29
C ILE A 1215 -7.98 -31.41 -27.55
N VAL A 1216 -8.01 -30.98 -28.80
CA VAL A 1216 -7.34 -29.75 -29.23
C VAL A 1216 -8.41 -28.72 -29.58
N VAL A 1217 -8.32 -27.56 -28.95
CA VAL A 1217 -9.19 -26.42 -29.25
C VAL A 1217 -8.34 -25.39 -29.97
N ALA A 1218 -8.71 -25.09 -31.22
CA ALA A 1218 -7.93 -24.17 -32.03
C ALA A 1218 -8.83 -23.18 -32.75
N HIS A 1219 -8.25 -22.36 -33.63
CA HIS A 1219 -9.00 -21.35 -34.37
C HIS A 1219 -8.73 -21.46 -35.86
N ARG A 1220 -7.54 -21.91 -36.22
CA ARG A 1220 -7.12 -22.00 -37.61
C ARG A 1220 -7.53 -23.36 -38.16
N LEU A 1221 -8.26 -23.34 -39.28
CA LEU A 1221 -8.80 -24.59 -39.83
C LEU A 1221 -7.71 -25.50 -40.39
N SER A 1222 -6.57 -24.94 -40.81
CA SER A 1222 -5.49 -25.80 -41.31
C SER A 1222 -4.90 -26.65 -40.20
N THR A 1223 -4.97 -26.19 -38.94
CA THR A 1223 -4.45 -26.95 -37.83
C THR A 1223 -5.32 -28.15 -37.47
N ILE A 1224 -6.57 -28.17 -37.93
CA ILE A 1224 -7.47 -29.28 -37.66
C ILE A 1224 -7.73 -30.10 -38.93
N ARG A 1225 -6.85 -29.98 -39.92
CA ARG A 1225 -6.98 -30.78 -41.14
C ARG A 1225 -6.81 -32.27 -40.86
N ASN A 1226 -5.87 -32.61 -40.00
CA ASN A 1226 -5.60 -34.01 -39.66
C ASN A 1226 -6.50 -34.52 -38.54
N ALA A 1227 -7.43 -33.71 -38.06
CA ALA A 1227 -8.34 -34.13 -37.01
C ALA A 1227 -9.26 -35.24 -37.51
N HIS A 1228 -9.50 -36.23 -36.65
CA HIS A 1228 -10.38 -37.34 -37.02
C HIS A 1228 -11.83 -37.02 -36.69
N VAL A 1229 -12.07 -36.34 -35.58
CA VAL A 1229 -13.41 -35.94 -35.17
C VAL A 1229 -13.40 -34.42 -34.99
N ILE A 1230 -14.17 -33.72 -35.81
CA ILE A 1230 -14.29 -32.27 -35.73
C ILE A 1230 -15.70 -31.95 -35.26
N ALA A 1231 -15.80 -31.26 -34.12
CA ALA A 1231 -17.08 -30.93 -33.50
C ALA A 1231 -17.27 -29.42 -33.52
N VAL A 1232 -18.43 -28.99 -34.01
CA VAL A 1232 -18.80 -27.58 -34.02
C VAL A 1232 -19.73 -27.33 -32.85
N ILE A 1233 -19.33 -26.46 -31.93
CA ILE A 1233 -20.08 -26.18 -30.72
C ILE A 1233 -20.49 -24.71 -30.73
N ASP A 1234 -21.79 -24.46 -30.90
CA ASP A 1234 -22.34 -23.12 -30.93
C ASP A 1234 -23.62 -23.11 -30.11
N ASP A 1235 -24.01 -21.92 -29.64
CA ASP A 1235 -25.26 -21.67 -28.92
C ASP A 1235 -25.54 -22.74 -27.84
N GLY A 1236 -24.45 -23.24 -27.23
CA GLY A 1236 -24.57 -24.15 -26.11
C GLY A 1236 -24.76 -25.60 -26.44
N LYS A 1237 -24.77 -25.99 -27.72
CA LYS A 1237 -24.94 -27.38 -28.10
C LYS A 1237 -24.04 -27.69 -29.29
N VAL A 1238 -23.78 -28.99 -29.47
CA VAL A 1238 -23.00 -29.48 -30.60
C VAL A 1238 -23.91 -30.31 -31.50
N ALA A 1239 -23.96 -29.95 -32.78
CA ALA A 1239 -24.81 -30.63 -33.75
C ALA A 1239 -24.01 -31.21 -34.91
N GLU A 1240 -23.04 -30.47 -35.42
CA GLU A 1240 -22.23 -30.90 -36.57
C GLU A 1240 -21.00 -31.61 -36.02
N GLN A 1241 -20.99 -32.93 -36.11
CA GLN A 1241 -19.89 -33.76 -35.65
C GLN A 1241 -19.43 -34.65 -36.80
N GLY A 1242 -18.13 -34.91 -36.86
CA GLY A 1242 -17.58 -35.76 -37.90
C GLY A 1242 -16.18 -35.40 -38.33
N SER A 1243 -15.82 -35.74 -39.55
CA SER A 1243 -14.51 -35.44 -40.12
C SER A 1243 -14.68 -34.58 -41.37
N HIS A 1244 -13.57 -34.35 -42.08
CA HIS A 1244 -13.65 -33.54 -43.29
C HIS A 1244 -14.55 -34.20 -44.34
N SER A 1245 -14.43 -35.51 -44.54
CA SER A 1245 -15.23 -36.21 -45.53
C SER A 1245 -16.68 -36.38 -45.09
N HIS A 1246 -16.93 -36.65 -43.81
CA HIS A 1246 -18.28 -36.88 -43.34
C HIS A 1246 -19.09 -35.58 -43.23
N LEU A 1247 -18.46 -34.50 -42.77
CA LEU A 1247 -19.16 -33.23 -42.63
C LEU A 1247 -19.44 -32.56 -43.96
N LEU A 1248 -18.51 -32.64 -44.92
CA LEU A 1248 -18.72 -32.07 -46.24
C LEU A 1248 -19.75 -32.84 -47.05
N LYS A 1249 -20.13 -34.04 -46.62
CA LYS A 1249 -21.14 -34.83 -47.31
C LYS A 1249 -22.55 -34.42 -46.88
N ASN A 1250 -22.82 -34.43 -45.58
CA ASN A 1250 -24.12 -34.03 -45.06
C ASN A 1250 -24.30 -32.51 -45.00
N HIS A 1251 -23.21 -31.76 -44.87
CA HIS A 1251 -23.26 -30.30 -44.79
C HIS A 1251 -22.25 -29.72 -45.79
N PRO A 1252 -22.55 -29.76 -47.08
CA PRO A 1252 -21.63 -29.16 -48.06
C PRO A 1252 -21.63 -27.65 -48.04
N ASP A 1253 -22.72 -27.01 -47.58
CA ASP A 1253 -22.81 -25.56 -47.50
C ASP A 1253 -22.94 -25.07 -46.07
N GLY A 1254 -22.55 -25.89 -45.09
CA GLY A 1254 -22.70 -25.52 -43.70
C GLY A 1254 -21.64 -24.55 -43.21
N ILE A 1255 -21.70 -24.28 -41.91
CA ILE A 1255 -20.74 -23.37 -41.28
C ILE A 1255 -19.31 -23.91 -41.42
N TYR A 1256 -19.13 -25.21 -41.19
CA TYR A 1256 -17.80 -25.81 -41.28
C TYR A 1256 -17.19 -25.64 -42.66
N ALA A 1257 -18.03 -25.60 -43.71
CA ALA A 1257 -17.55 -25.40 -45.06
C ALA A 1257 -17.48 -23.94 -45.48
N ARG A 1258 -18.28 -23.06 -44.85
CA ARG A 1258 -18.36 -21.67 -45.26
C ARG A 1258 -17.34 -20.81 -44.52
N MET A 1259 -16.95 -21.18 -43.30
CA MET A 1259 -15.86 -20.52 -42.60
C MET A 1259 -14.54 -20.63 -43.33
N ILE A 1260 -14.41 -21.56 -44.28
CA ILE A 1260 -13.12 -21.85 -44.90
C ILE A 1260 -12.65 -20.66 -45.73
N GLN A 1261 -13.55 -20.10 -46.55
CA GLN A 1261 -13.17 -19.10 -47.54
C GLN A 1261 -13.38 -17.68 -47.07
N LEU A 1262 -13.56 -17.45 -45.77
CA LEU A 1262 -13.76 -16.09 -45.27
C LEU A 1262 -12.54 -15.20 -45.50
N GLN A 1263 -11.35 -15.78 -45.66
CA GLN A 1263 -10.13 -15.00 -45.87
C GLN A 1263 -9.36 -15.51 -47.08
N GLY A 1272 9.55 -23.75 -49.44
CA GLY A 1272 9.57 -24.05 -50.85
C GLY A 1272 10.84 -24.76 -51.30
C01 BLD B . 17.60 6.58 33.00
C02 BLD B . 18.68 5.75 32.33
O02 BLD B . 18.07 4.84 31.41
C03 BLD B . 19.66 6.63 31.57
O03 BLD B . 19.06 7.10 30.37
C04 BLD B . 20.14 7.79 32.41
C05 BLD B . 19.10 8.56 33.22
C06 BLD B . 19.83 9.50 34.14
O06 BLD B . 20.85 9.24 34.69
C07 BLD B . 17.78 10.73 34.08
O07 BLD B . 19.21 10.68 34.23
C08 BLD B . 17.23 9.81 35.13
C09 BLD B . 16.95 8.38 34.66
C10 BLD B . 18.14 7.62 33.99
C11 BLD B . 16.44 7.56 35.84
C12 BLD B . 15.17 8.16 36.41
C13 BLD B . 15.37 9.61 36.84
C14 BLD B . 15.93 10.42 35.66
C15 BLD B . 15.93 11.86 36.18
C16 BLD B . 14.66 11.91 37.02
C17 BLD B . 14.10 10.47 37.05
C18 BLD B . 16.26 9.69 38.08
C19 BLD B . 18.91 6.88 35.09
C20 BLD B . 13.20 10.20 38.26
C21 BLD B . 11.90 9.49 37.87
C22 BLD B . 12.89 11.45 39.10
O22 BLD B . 12.19 12.40 38.29
C23 BLD B . 12.05 11.17 40.35
O23 BLD B . 10.72 11.66 40.11
C24 BLD B . 12.49 11.70 41.70
C25 BLD B . 11.30 11.85 42.66
C26 BLD B . 10.76 10.50 43.10
C27 BLD B . 11.63 12.67 43.88
C28 BLD B . 13.29 13.00 41.57
#